data_6K2N
#
_entry.id   6K2N
#
_cell.length_a   66.289
_cell.length_b   114.550
_cell.length_c   73.789
_cell.angle_alpha   90.000
_cell.angle_beta   95.960
_cell.angle_gamma   90.000
#
_symmetry.space_group_name_H-M   'P 1 21 1'
#
loop_
_entity.id
_entity.type
_entity.pdbx_description
1 polymer 'Outer capsid protein VP4'
2 branched beta-D-galactopyranose-(1-3)-[2-acetamido-2-deoxy-beta-D-glucopyranose-(1-6)]2-acetamido-2-deoxy-alpha-D-galactopyranose
3 water water
#
_entity_poly.entity_id   1
_entity_poly.type   'polypeptide(L)'
_entity_poly.pdbx_seq_one_letter_code
;ILDGPYQPTTFTPPIDYWILINSNTNGVVYESTNNSDFWTAVVAIEPHVNPVDRQYTVFGENKQFNVRNDSDKWKFLEMF
RSSSQNEFYNRRTLTSDTKLVGILKYGGRIWTFHGETPRATTDSSNTANLNDISIIIHSEFYIIPRSQESKCNEYINNGL
;
_entity_poly.pdbx_strand_id   A,B,C,D,E,F
#
# COMPACT_ATOMS: atom_id res chain seq x y z
N ILE A 1 30.26 14.71 -14.31
CA ILE A 1 29.87 14.18 -13.02
C ILE A 1 28.52 13.48 -13.14
N LEU A 2 28.06 13.31 -14.38
CA LEU A 2 26.74 12.74 -14.65
C LEU A 2 26.77 11.22 -14.45
N ASP A 3 25.83 10.71 -13.67
CA ASP A 3 25.78 9.28 -13.35
C ASP A 3 24.91 8.58 -14.39
N GLY A 4 25.54 7.79 -15.25
CA GLY A 4 24.84 7.15 -16.34
C GLY A 4 25.68 7.21 -17.60
N PRO A 5 25.11 6.80 -18.74
CA PRO A 5 23.75 6.28 -18.89
C PRO A 5 23.57 4.85 -18.39
N TYR A 6 22.37 4.55 -17.92
CA TYR A 6 21.98 3.20 -17.53
C TYR A 6 21.02 2.64 -18.57
N GLN A 7 21.05 1.32 -18.72
CA GLN A 7 20.22 0.64 -19.69
C GLN A 7 18.77 0.58 -19.22
N PRO A 8 17.82 0.46 -20.15
CA PRO A 8 16.41 0.33 -19.76
C PRO A 8 16.22 -0.80 -18.76
N THR A 9 15.32 -0.58 -17.79
CA THR A 9 15.22 -1.52 -16.68
C THR A 9 13.99 -1.20 -15.85
N THR A 10 13.69 -2.08 -14.91
CA THR A 10 12.59 -1.92 -13.96
C THR A 10 13.17 -1.86 -12.56
N PHE A 11 12.89 -0.79 -11.83
CA PHE A 11 13.35 -0.74 -10.44
C PHE A 11 12.54 0.29 -9.66
N THR A 12 12.77 0.31 -8.36
CA THR A 12 12.15 1.25 -7.44
C THR A 12 13.13 2.38 -7.20
N PRO A 13 12.95 3.55 -7.82
CA PRO A 13 13.95 4.61 -7.68
C PRO A 13 14.12 4.99 -6.22
N PRO A 14 15.33 5.33 -5.82
CA PRO A 14 15.56 5.78 -4.44
C PRO A 14 15.01 7.18 -4.22
N ILE A 15 14.62 7.46 -2.97
CA ILE A 15 14.16 8.78 -2.60
C ILE A 15 15.27 9.80 -2.81
N ASP A 16 14.89 11.01 -3.25
CA ASP A 16 15.75 12.19 -3.32
C ASP A 16 16.72 12.16 -4.50
N TYR A 17 16.36 11.48 -5.59
CA TYR A 17 17.17 11.41 -6.80
C TYR A 17 16.29 11.65 -8.01
N TRP A 18 16.73 12.53 -8.91
CA TRP A 18 16.12 12.68 -10.22
C TRP A 18 16.54 11.54 -11.14
N ILE A 19 15.56 10.98 -11.84
CA ILE A 19 15.79 10.05 -12.94
C ILE A 19 15.54 10.83 -14.23
N LEU A 20 16.56 10.89 -15.08
CA LEU A 20 16.55 11.69 -16.30
C LEU A 20 16.62 10.73 -17.48
N ILE A 21 15.51 10.60 -18.21
CA ILE A 21 15.35 9.61 -19.26
C ILE A 21 15.50 10.30 -20.61
N ASN A 22 16.35 9.74 -21.45
CA ASN A 22 16.62 10.26 -22.80
C ASN A 22 15.76 9.46 -23.77
N SER A 23 14.59 10.00 -24.10
CA SER A 23 13.68 9.32 -25.03
C SER A 23 14.30 9.21 -26.42
N ASN A 24 13.98 8.11 -27.11
CA ASN A 24 14.57 7.84 -28.42
C ASN A 24 13.58 7.40 -29.49
N THR A 25 12.29 7.27 -29.16
CA THR A 25 11.30 6.90 -30.15
C THR A 25 9.94 7.43 -29.72
N ASN A 26 8.93 7.24 -30.58
CA ASN A 26 7.59 7.76 -30.31
C ASN A 26 6.71 6.68 -29.67
N GLY A 27 7.18 6.18 -28.53
CA GLY A 27 6.47 5.15 -27.80
C GLY A 27 6.32 5.53 -26.33
N VAL A 28 6.19 4.51 -25.50
CA VAL A 28 6.09 4.72 -24.06
C VAL A 28 7.49 4.98 -23.50
N VAL A 29 7.66 6.14 -22.88
CA VAL A 29 8.96 6.52 -22.32
C VAL A 29 9.20 5.78 -21.01
N TYR A 30 8.23 5.79 -20.11
CA TYR A 30 8.32 5.07 -18.85
C TYR A 30 6.93 4.80 -18.32
N GLU A 31 6.86 3.83 -17.41
CA GLU A 31 5.63 3.48 -16.70
C GLU A 31 5.93 3.49 -15.21
N SER A 32 5.15 4.21 -14.43
CA SER A 32 5.40 4.32 -13.00
C SER A 32 4.15 4.00 -12.20
N THR A 33 4.30 3.16 -11.18
CA THR A 33 3.13 2.83 -10.35
C THR A 33 3.58 2.28 -9.00
N ASN A 34 2.71 2.45 -8.00
CA ASN A 34 2.81 1.71 -6.74
C ASN A 34 1.74 0.64 -6.62
N ASN A 35 0.93 0.43 -7.66
CA ASN A 35 -0.11 -0.59 -7.73
C ASN A 35 -1.22 -0.36 -6.71
N SER A 36 -1.31 0.82 -6.11
CA SER A 36 -2.42 1.11 -5.21
C SER A 36 -3.22 2.34 -5.62
N ASP A 37 -2.58 3.51 -5.79
CA ASP A 37 -3.33 4.71 -6.15
C ASP A 37 -2.64 5.59 -7.19
N PHE A 38 -1.55 5.13 -7.82
CA PHE A 38 -0.76 5.98 -8.70
C PHE A 38 -0.32 5.17 -9.90
N TRP A 39 -0.75 5.59 -11.10
CA TRP A 39 -0.33 4.98 -12.36
C TRP A 39 -0.06 6.11 -13.33
N THR A 40 1.21 6.30 -13.72
CA THR A 40 1.58 7.28 -14.71
C THR A 40 2.40 6.61 -15.82
N ALA A 41 1.96 6.79 -17.06
CA ALA A 41 2.74 6.41 -18.22
C ALA A 41 2.92 7.61 -19.13
N VAL A 42 4.12 7.84 -19.62
CA VAL A 42 4.41 8.96 -20.51
C VAL A 42 4.54 8.42 -21.92
N VAL A 43 3.83 9.05 -22.86
CA VAL A 43 3.91 8.68 -24.28
C VAL A 43 4.58 9.81 -25.03
N ALA A 44 5.46 9.45 -25.97
CA ALA A 44 6.19 10.41 -26.78
C ALA A 44 5.50 10.58 -28.12
N ILE A 45 5.22 11.82 -28.49
CA ILE A 45 4.55 12.16 -29.74
C ILE A 45 5.51 13.01 -30.56
N GLU A 46 5.87 12.49 -31.74
CA GLU A 46 6.75 13.20 -32.65
C GLU A 46 6.06 14.48 -33.14
N PRO A 47 6.84 15.46 -33.63
CA PRO A 47 6.23 16.72 -34.04
C PRO A 47 5.30 16.55 -35.24
N HIS A 48 4.32 17.45 -35.34
CA HIS A 48 3.43 17.55 -36.49
C HIS A 48 2.67 16.24 -36.72
N VAL A 49 1.83 15.92 -35.74
CA VAL A 49 0.94 14.75 -35.81
C VAL A 49 -0.48 15.26 -35.61
N ASN A 50 -1.32 15.10 -36.63
CA ASN A 50 -2.72 15.45 -36.51
C ASN A 50 -3.42 14.44 -35.60
N PRO A 51 -4.45 14.87 -34.86
CA PRO A 51 -5.08 14.00 -33.86
C PRO A 51 -5.40 12.62 -34.40
N VAL A 52 -4.96 11.59 -33.67
CA VAL A 52 -5.08 10.22 -34.14
C VAL A 52 -5.08 9.29 -32.93
N ASP A 53 -5.82 8.19 -33.05
CA ASP A 53 -5.78 7.13 -32.04
C ASP A 53 -4.57 6.23 -32.28
N ARG A 54 -3.81 6.00 -31.22
CA ARG A 54 -2.64 5.13 -31.27
C ARG A 54 -2.71 4.11 -30.14
N GLN A 55 -2.14 2.94 -30.39
CA GLN A 55 -2.12 1.83 -29.45
C GLN A 55 -0.80 1.79 -28.71
N TYR A 56 -0.86 1.74 -27.38
CA TYR A 56 0.31 1.66 -26.52
C TYR A 56 0.13 0.53 -25.52
N THR A 57 1.23 -0.13 -25.20
CA THR A 57 1.26 -1.10 -24.11
C THR A 57 1.63 -0.37 -22.83
N VAL A 58 0.70 -0.30 -21.87
CA VAL A 58 0.95 0.36 -20.60
C VAL A 58 0.46 -0.56 -19.48
N PHE A 59 1.34 -0.82 -18.51
CA PHE A 59 1.03 -1.69 -17.38
C PHE A 59 0.45 -3.03 -17.84
N GLY A 60 1.00 -3.55 -18.94
CA GLY A 60 0.60 -4.85 -19.44
C GLY A 60 -0.67 -4.87 -20.26
N GLU A 61 -1.32 -3.72 -20.45
CA GLU A 61 -2.57 -3.65 -21.19
C GLU A 61 -2.38 -2.88 -22.49
N ASN A 62 -3.18 -3.26 -23.49
CA ASN A 62 -3.23 -2.54 -24.76
C ASN A 62 -4.26 -1.41 -24.62
N LYS A 63 -3.77 -0.17 -24.67
CA LYS A 63 -4.58 1.02 -24.49
C LYS A 63 -4.58 1.86 -25.75
N GLN A 64 -5.73 2.44 -26.08
CA GLN A 64 -5.82 3.37 -27.19
C GLN A 64 -5.90 4.80 -26.64
N PHE A 65 -4.99 5.65 -27.08
CA PHE A 65 -4.97 7.05 -26.70
C PHE A 65 -5.10 7.92 -27.95
N ASN A 66 -5.95 8.95 -27.88
CA ASN A 66 -6.02 9.95 -28.93
C ASN A 66 -4.97 11.02 -28.63
N VAL A 67 -4.06 11.23 -29.56
CA VAL A 67 -2.92 12.11 -29.35
C VAL A 67 -2.81 13.08 -30.51
N ARG A 68 -2.25 14.25 -30.21
CA ARG A 68 -2.08 15.33 -31.16
C ARG A 68 -0.79 16.07 -30.82
N ASN A 69 -0.16 16.64 -31.84
CA ASN A 69 1.02 17.47 -31.62
C ASN A 69 1.15 18.44 -32.79
N ASP A 70 0.67 19.67 -32.60
CA ASP A 70 0.84 20.72 -33.60
C ASP A 70 2.25 21.29 -33.62
N SER A 71 3.01 21.07 -32.55
CA SER A 71 4.29 21.75 -32.37
C SER A 71 5.34 21.20 -33.32
N ASP A 72 6.47 21.93 -33.37
CA ASP A 72 7.69 21.43 -34.01
C ASP A 72 8.57 20.68 -33.04
N LYS A 73 8.25 20.69 -31.75
CA LYS A 73 8.96 19.93 -30.74
C LYS A 73 8.17 18.68 -30.37
N TRP A 74 8.87 17.71 -29.81
CA TRP A 74 8.24 16.50 -29.30
C TRP A 74 7.33 16.84 -28.13
N LYS A 75 6.29 16.03 -27.94
CA LYS A 75 5.37 16.21 -26.83
C LYS A 75 5.36 14.93 -25.99
N PHE A 76 5.66 15.05 -24.71
CA PHE A 76 5.64 13.93 -23.78
C PHE A 76 4.42 14.07 -22.89
N LEU A 77 3.43 13.21 -23.14
CA LEU A 77 2.14 13.28 -22.46
C LEU A 77 2.16 12.36 -21.24
N GLU A 78 1.84 12.91 -20.07
CA GLU A 78 1.65 12.12 -18.86
C GLU A 78 0.21 11.65 -18.82
N MET A 79 0.00 10.35 -19.01
CA MET A 79 -1.30 9.72 -18.88
C MET A 79 -1.40 9.13 -17.48
N PHE A 80 -2.41 9.55 -16.72
CA PHE A 80 -2.50 9.22 -15.31
C PHE A 80 -3.83 8.54 -14.99
N ARG A 81 -3.80 7.61 -14.05
CA ARG A 81 -4.99 7.09 -13.40
C ARG A 81 -4.63 6.71 -11.97
N SER A 82 -5.63 6.74 -11.09
CA SER A 82 -5.44 6.35 -9.70
C SER A 82 -6.01 4.97 -9.40
N SER A 83 -6.63 4.33 -10.39
CA SER A 83 -7.24 3.02 -10.20
C SER A 83 -7.13 2.26 -11.51
N SER A 84 -6.85 0.96 -11.42
CA SER A 84 -6.85 0.11 -12.63
C SER A 84 -8.23 0.06 -13.28
N GLN A 85 -9.25 0.67 -12.68
CA GLN A 85 -10.60 0.71 -13.23
C GLN A 85 -10.90 2.00 -13.97
N ASN A 86 -10.12 3.05 -13.76
CA ASN A 86 -10.38 4.34 -14.37
C ASN A 86 -9.68 4.44 -15.72
N GLU A 87 -10.24 5.28 -16.59
CA GLU A 87 -9.56 5.62 -17.83
C GLU A 87 -8.38 6.53 -17.54
N PHE A 88 -7.33 6.39 -18.35
CA PHE A 88 -6.25 7.36 -18.33
C PHE A 88 -6.73 8.70 -18.89
N TYR A 89 -6.20 9.78 -18.33
CA TYR A 89 -6.37 11.11 -18.91
C TYR A 89 -5.01 11.81 -18.95
N ASN A 90 -4.84 12.68 -19.93
CA ASN A 90 -3.61 13.45 -20.12
C ASN A 90 -3.50 14.49 -19.01
N ARG A 91 -2.66 14.21 -18.00
CA ARG A 91 -2.59 15.06 -16.83
C ARG A 91 -1.66 16.26 -17.03
N ARG A 92 -0.54 16.04 -17.72
CA ARG A 92 0.45 17.08 -17.97
C ARG A 92 1.09 16.81 -19.33
N THR A 93 1.76 17.84 -19.86
CA THR A 93 2.48 17.71 -21.13
C THR A 93 3.81 18.44 -21.00
N LEU A 94 4.88 17.79 -21.46
CA LEU A 94 6.20 18.42 -21.58
C LEU A 94 6.52 18.54 -23.05
N THR A 95 6.57 19.77 -23.57
CA THR A 95 6.90 20.02 -24.97
C THR A 95 8.38 20.38 -25.04
N SER A 96 9.13 19.61 -25.82
CA SER A 96 10.58 19.61 -25.68
C SER A 96 11.25 19.27 -27.00
N ASP A 97 12.37 19.93 -27.28
CA ASP A 97 13.25 19.54 -28.37
C ASP A 97 14.54 18.92 -27.86
N THR A 98 14.61 18.56 -26.57
CA THR A 98 15.74 17.82 -26.02
C THR A 98 15.44 16.36 -25.78
N LYS A 99 14.17 15.96 -25.71
CA LYS A 99 13.75 14.57 -25.52
C LYS A 99 14.20 14.00 -24.18
N LEU A 100 14.38 14.86 -23.19
CA LEU A 100 14.71 14.45 -21.83
C LEU A 100 13.49 14.63 -20.93
N VAL A 101 13.19 13.59 -20.15
CA VAL A 101 12.06 13.60 -19.22
C VAL A 101 12.59 13.28 -17.83
N GLY A 102 12.03 13.92 -16.81
CA GLY A 102 12.54 13.78 -15.44
C GLY A 102 11.47 13.32 -14.47
N ILE A 103 11.88 12.51 -13.48
CA ILE A 103 10.99 12.09 -12.40
C ILE A 103 11.75 12.01 -11.10
N LEU A 104 11.16 12.52 -10.02
CA LEU A 104 11.81 12.58 -8.72
C LEU A 104 10.83 12.22 -7.62
N LYS A 105 11.29 11.44 -6.65
CA LYS A 105 10.52 11.08 -5.47
C LYS A 105 11.06 11.90 -4.31
N TYR A 106 10.24 12.80 -3.77
CA TYR A 106 10.72 13.68 -2.70
C TYR A 106 9.56 14.31 -1.97
N GLY A 107 9.72 14.47 -0.66
CA GLY A 107 8.73 15.19 0.13
C GLY A 107 7.35 14.59 0.08
N GLY A 108 7.25 13.26 -0.02
CA GLY A 108 5.98 12.58 -0.15
C GLY A 108 5.30 12.74 -1.49
N ARG A 109 5.96 13.33 -2.49
CA ARG A 109 5.33 13.60 -3.77
C ARG A 109 6.22 13.12 -4.92
N ILE A 110 5.59 13.00 -6.09
CA ILE A 110 6.27 12.72 -7.36
C ILE A 110 6.40 14.01 -8.13
N TRP A 111 7.62 14.35 -8.53
CA TRP A 111 7.90 15.59 -9.27
C TRP A 111 8.29 15.26 -10.69
N THR A 112 7.68 15.95 -11.65
CA THR A 112 8.06 15.82 -13.06
C THR A 112 8.19 17.20 -13.67
N PHE A 113 8.70 17.24 -14.90
CA PHE A 113 8.84 18.49 -15.65
C PHE A 113 7.71 18.60 -16.67
N HIS A 114 7.13 19.81 -16.76
CA HIS A 114 6.10 20.12 -17.72
C HIS A 114 6.35 21.50 -18.29
N GLY A 115 5.54 21.88 -19.28
CA GLY A 115 5.74 23.11 -20.01
C GLY A 115 6.52 22.89 -21.29
N GLU A 116 7.01 24.00 -21.85
CA GLU A 116 7.77 23.97 -23.09
C GLU A 116 9.19 24.42 -22.83
N THR A 117 10.16 23.62 -23.29
CA THR A 117 11.56 24.00 -23.19
C THR A 117 11.82 25.26 -24.01
N PRO A 118 12.80 26.08 -23.61
CA PRO A 118 13.74 25.89 -22.50
C PRO A 118 13.20 26.42 -21.19
N ARG A 119 11.87 26.54 -21.09
CA ARG A 119 11.22 27.13 -19.93
C ARG A 119 10.43 26.11 -19.13
N ALA A 120 10.71 24.82 -19.31
CA ALA A 120 9.99 23.79 -18.57
C ALA A 120 10.29 23.89 -17.08
N THR A 121 9.27 23.63 -16.27
CA THR A 121 9.35 23.74 -14.82
C THR A 121 8.82 22.46 -14.18
N THR A 122 9.12 22.29 -12.89
CA THR A 122 8.67 21.11 -12.16
C THR A 122 7.27 21.30 -11.57
N ASP A 123 6.57 20.18 -11.41
CA ASP A 123 5.26 20.14 -10.79
C ASP A 123 5.12 18.80 -10.06
N SER A 124 4.30 18.79 -9.02
CA SER A 124 4.20 17.65 -8.12
C SER A 124 2.85 16.94 -8.24
N SER A 125 2.84 15.69 -7.79
CA SER A 125 1.66 14.85 -7.74
C SER A 125 1.67 14.09 -6.43
N ASN A 126 0.49 13.96 -5.82
CA ASN A 126 0.31 13.35 -4.52
C ASN A 126 0.10 11.84 -4.64
N THR A 127 0.40 11.14 -3.56
CA THR A 127 0.16 9.71 -3.47
C THR A 127 0.15 9.28 -2.00
N ALA A 128 -0.60 8.21 -1.72
CA ALA A 128 -0.61 7.63 -0.38
C ALA A 128 0.63 6.78 -0.09
N ASN A 129 1.37 6.37 -1.12
CA ASN A 129 2.55 5.54 -0.92
C ASN A 129 3.59 5.95 -1.95
N LEU A 130 4.52 6.82 -1.54
CA LEU A 130 5.57 7.26 -2.45
C LEU A 130 6.70 6.25 -2.55
N ASN A 131 7.06 5.63 -1.41
CA ASN A 131 8.23 4.76 -1.37
C ASN A 131 8.11 3.59 -2.35
N ASP A 132 6.91 3.05 -2.50
CA ASP A 132 6.71 1.84 -3.29
C ASP A 132 6.47 2.13 -4.77
N ILE A 133 6.58 3.38 -5.20
CA ILE A 133 6.44 3.69 -6.62
C ILE A 133 7.66 3.16 -7.36
N SER A 134 7.42 2.23 -8.28
CA SER A 134 8.44 1.66 -9.14
C SER A 134 8.26 2.19 -10.56
N ILE A 135 9.27 1.92 -11.38
CA ILE A 135 9.30 2.46 -12.73
C ILE A 135 9.89 1.43 -13.69
N ILE A 136 9.28 1.33 -14.86
CA ILE A 136 9.84 0.65 -16.02
C ILE A 136 10.31 1.74 -16.98
N ILE A 137 11.60 1.73 -17.29
CA ILE A 137 12.22 2.76 -18.12
C ILE A 137 12.66 2.11 -19.41
N HIS A 138 12.17 2.65 -20.54
CA HIS A 138 12.33 2.07 -21.86
C HIS A 138 13.46 2.69 -22.66
N SER A 139 14.24 3.60 -22.06
CA SER A 139 15.36 4.26 -22.73
C SER A 139 16.54 4.31 -21.78
N GLU A 140 17.68 4.73 -22.31
CA GLU A 140 18.80 5.06 -21.45
C GLU A 140 18.42 6.21 -20.52
N PHE A 141 18.97 6.19 -19.31
CA PHE A 141 18.65 7.21 -18.33
C PHE A 141 19.84 7.45 -17.43
N TYR A 142 19.74 8.53 -16.66
CA TYR A 142 20.78 9.01 -15.76
C TYR A 142 20.17 9.28 -14.39
N ILE A 143 21.01 9.27 -13.37
CA ILE A 143 20.58 9.54 -12.00
C ILE A 143 21.33 10.76 -11.49
N ILE A 144 20.58 11.75 -11.01
CA ILE A 144 21.13 13.02 -10.55
C ILE A 144 20.61 13.30 -9.14
N PRO A 145 21.46 13.55 -8.16
CA PRO A 145 20.93 13.84 -6.81
C PRO A 145 20.12 15.13 -6.83
N ARG A 146 19.12 15.20 -5.94
CA ARG A 146 18.30 16.41 -5.87
C ARG A 146 19.15 17.62 -5.53
N SER A 147 20.23 17.43 -4.78
CA SER A 147 21.20 18.50 -4.54
C SER A 147 21.68 19.18 -5.82
N GLN A 148 21.63 18.49 -6.96
CA GLN A 148 22.04 19.04 -8.24
C GLN A 148 20.86 19.27 -9.19
N GLU A 149 19.68 19.58 -8.62
CA GLU A 149 18.49 19.74 -9.44
C GLU A 149 18.67 20.81 -10.50
N SER A 150 19.34 21.93 -10.15
CA SER A 150 19.57 22.97 -11.14
C SER A 150 20.21 22.38 -12.39
N LYS A 151 21.21 21.52 -12.21
CA LYS A 151 21.83 20.86 -13.37
C LYS A 151 20.80 20.06 -14.15
N CYS A 152 20.01 19.23 -13.44
CA CYS A 152 18.93 18.50 -14.08
C CYS A 152 18.04 19.46 -14.86
N ASN A 153 17.66 20.58 -14.24
CA ASN A 153 16.82 21.56 -14.93
C ASN A 153 17.48 21.98 -16.23
N GLU A 154 18.76 22.38 -16.16
CA GLU A 154 19.47 22.78 -17.36
C GLU A 154 19.39 21.69 -18.42
N TYR A 155 19.66 20.45 -18.02
CA TYR A 155 19.59 19.33 -18.95
C TYR A 155 18.23 19.28 -19.61
N ILE A 156 17.17 19.23 -18.78
CA ILE A 156 15.81 19.11 -19.31
C ILE A 156 15.57 20.18 -20.36
N ASN A 157 16.06 21.39 -20.10
CA ASN A 157 15.72 22.52 -20.95
C ASN A 157 16.74 22.78 -22.03
N ASN A 158 17.91 22.13 -21.97
CA ASN A 158 18.95 22.49 -22.94
C ASN A 158 19.65 21.30 -23.57
N GLY A 159 19.38 20.07 -23.14
CA GLY A 159 20.10 18.92 -23.63
C GLY A 159 21.26 18.55 -22.73
N LEU A 160 21.81 17.37 -22.98
CA LEU A 160 23.00 16.90 -22.27
C LEU A 160 24.24 17.54 -22.87
N ILE B 1 -39.07 4.32 3.94
CA ILE B 1 -37.99 3.56 3.33
C ILE B 1 -36.67 4.31 3.45
N LEU B 2 -36.67 5.39 4.23
CA LEU B 2 -35.49 6.23 4.38
C LEU B 2 -34.49 5.57 5.31
N ASP B 3 -33.25 5.39 4.83
CA ASP B 3 -32.21 4.71 5.56
C ASP B 3 -31.48 5.72 6.45
N GLY B 4 -31.71 5.62 7.75
CA GLY B 4 -31.17 6.56 8.71
C GLY B 4 -32.21 6.91 9.74
N PRO B 5 -31.92 7.87 10.63
CA PRO B 5 -30.67 8.64 10.67
C PRO B 5 -29.50 7.92 11.33
N TYR B 6 -28.28 8.22 10.89
CA TYR B 6 -27.06 7.73 11.50
C TYR B 6 -26.39 8.85 12.30
N GLN B 7 -25.58 8.46 13.29
CA GLN B 7 -24.89 9.41 14.15
C GLN B 7 -23.67 10.00 13.46
N PRO B 8 -23.24 11.18 13.91
CA PRO B 8 -21.99 11.78 13.39
C PRO B 8 -20.86 10.76 13.37
N THR B 9 -20.07 10.79 12.29
CA THR B 9 -19.06 9.74 12.14
C THR B 9 -18.07 10.15 11.07
N THR B 10 -16.99 9.38 10.98
CA THR B 10 -15.99 9.50 9.93
C THR B 10 -15.91 8.17 9.20
N PHE B 11 -16.03 8.22 7.87
CA PHE B 11 -15.97 6.98 7.09
C PHE B 11 -15.80 7.33 5.61
N THR B 12 -15.53 6.30 4.82
CA THR B 12 -15.40 6.45 3.37
C THR B 12 -16.73 6.08 2.74
N PRO B 13 -17.50 7.02 2.23
CA PRO B 13 -18.85 6.72 1.72
C PRO B 13 -18.80 5.78 0.54
N PRO B 14 -19.72 4.82 0.47
CA PRO B 14 -19.77 3.92 -0.68
C PRO B 14 -20.08 4.67 -1.97
N ILE B 15 -19.59 4.12 -3.09
CA ILE B 15 -19.93 4.66 -4.39
C ILE B 15 -21.43 4.48 -4.63
N ASP B 16 -22.04 5.46 -5.30
CA ASP B 16 -23.40 5.38 -5.83
C ASP B 16 -24.46 5.52 -4.74
N TYR B 17 -24.13 6.22 -3.66
CA TYR B 17 -25.08 6.53 -2.60
C TYR B 17 -25.02 8.02 -2.27
N TRP B 18 -26.18 8.66 -2.22
CA TRP B 18 -26.29 10.01 -1.66
C TRP B 18 -26.18 9.95 -0.15
N ILE B 19 -25.27 10.76 0.39
CA ILE B 19 -25.25 11.08 1.81
C ILE B 19 -26.04 12.36 2.00
N LEU B 20 -27.09 12.29 2.82
CA LEU B 20 -28.01 13.40 3.05
C LEU B 20 -27.89 13.82 4.51
N ILE B 21 -27.28 14.97 4.76
CA ILE B 21 -26.94 15.43 6.09
C ILE B 21 -27.95 16.48 6.53
N ASN B 22 -28.47 16.34 7.74
CA ASN B 22 -29.41 17.30 8.34
C ASN B 22 -28.61 18.20 9.26
N SER B 23 -28.32 19.42 8.78
CA SER B 23 -27.53 20.37 9.55
C SER B 23 -28.31 20.88 10.75
N ASN B 24 -27.62 21.05 11.88
CA ASN B 24 -28.28 21.48 13.10
C ASN B 24 -27.65 22.70 13.78
N THR B 25 -26.59 23.28 13.21
CA THR B 25 -25.99 24.47 13.81
C THR B 25 -25.21 25.22 12.74
N ASN B 26 -24.68 26.38 13.12
CA ASN B 26 -23.95 27.25 12.18
C ASN B 26 -22.45 27.00 12.21
N GLY B 27 -22.05 25.74 12.04
CA GLY B 27 -20.66 25.39 12.01
C GLY B 27 -20.31 24.61 10.75
N VAL B 28 -19.33 23.73 10.89
CA VAL B 28 -18.95 22.83 9.79
C VAL B 28 -19.94 21.67 9.74
N VAL B 29 -20.58 21.50 8.58
CA VAL B 29 -21.55 20.42 8.39
C VAL B 29 -20.84 19.11 8.11
N TYR B 30 -19.86 19.13 7.21
CA TYR B 30 -19.04 17.97 6.89
C TYR B 30 -17.74 18.45 6.26
N GLU B 31 -16.74 17.57 6.29
CA GLU B 31 -15.46 17.76 5.62
C GLU B 31 -15.16 16.53 4.81
N SER B 32 -14.80 16.71 3.54
CA SER B 32 -14.56 15.58 2.66
C SER B 32 -13.25 15.77 1.90
N THR B 33 -12.46 14.71 1.83
CA THR B 33 -11.20 14.80 1.10
C THR B 33 -10.70 13.41 0.73
N ASN B 34 -9.91 13.37 -0.34
CA ASN B 34 -9.10 12.19 -0.66
C ASN B 34 -7.63 12.41 -0.37
N ASN B 35 -7.28 13.56 0.20
CA ASN B 35 -5.91 13.97 0.52
C ASN B 35 -5.00 14.06 -0.70
N SER B 36 -5.55 14.05 -1.90
CA SER B 36 -4.72 14.25 -3.09
C SER B 36 -5.14 15.47 -3.91
N ASP B 37 -6.39 15.53 -4.40
CA ASP B 37 -6.79 16.62 -5.27
C ASP B 37 -8.17 17.17 -4.96
N PHE B 38 -8.78 16.81 -3.82
CA PHE B 38 -10.14 17.23 -3.54
C PHE B 38 -10.28 17.46 -2.04
N TRP B 39 -10.65 18.68 -1.66
CA TRP B 39 -11.03 19.03 -0.28
C TRP B 39 -12.29 19.88 -0.38
N THR B 40 -13.36 19.46 0.30
CA THR B 40 -14.54 20.32 0.44
C THR B 40 -15.01 20.28 1.89
N ALA B 41 -15.26 21.46 2.45
CA ALA B 41 -15.92 21.59 3.74
C ALA B 41 -17.09 22.53 3.58
N VAL B 42 -18.27 22.11 4.03
CA VAL B 42 -19.47 22.94 3.93
C VAL B 42 -19.68 23.62 5.28
N VAL B 43 -19.79 24.95 5.26
CA VAL B 43 -20.08 25.72 6.47
C VAL B 43 -21.49 26.28 6.38
N ALA B 44 -22.20 26.26 7.51
CA ALA B 44 -23.58 26.71 7.58
C ALA B 44 -23.64 28.12 8.12
N ILE B 45 -24.32 29.01 7.39
CA ILE B 45 -24.52 30.40 7.78
C ILE B 45 -26.00 30.61 8.02
N GLU B 46 -26.34 31.02 9.24
CA GLU B 46 -27.73 31.27 9.58
C GLU B 46 -28.23 32.51 8.83
N PRO B 47 -29.55 32.70 8.77
CA PRO B 47 -30.08 33.84 8.00
C PRO B 47 -29.65 35.18 8.58
N HIS B 48 -29.59 36.18 7.70
CA HIS B 48 -29.38 37.58 8.07
C HIS B 48 -28.08 37.78 8.85
N VAL B 49 -26.98 37.46 8.17
CA VAL B 49 -25.63 37.60 8.72
C VAL B 49 -24.91 38.65 7.87
N ASN B 50 -24.65 39.82 8.45
CA ASN B 50 -23.81 40.81 7.79
C ASN B 50 -22.39 40.24 7.63
N PRO B 51 -21.64 40.73 6.63
CA PRO B 51 -20.28 40.22 6.41
C PRO B 51 -19.46 40.20 7.70
N VAL B 52 -18.85 39.04 7.97
CA VAL B 52 -18.14 38.84 9.23
C VAL B 52 -17.12 37.73 9.03
N ASP B 53 -15.98 37.85 9.71
CA ASP B 53 -14.96 36.81 9.72
C ASP B 53 -15.29 35.81 10.82
N ARG B 54 -15.37 34.53 10.47
CA ARG B 54 -15.63 33.47 11.44
C ARG B 54 -14.55 32.39 11.35
N GLN B 55 -14.17 31.87 12.51
CA GLN B 55 -13.19 30.78 12.60
C GLN B 55 -13.90 29.44 12.59
N TYR B 56 -13.36 28.51 11.81
CA TYR B 56 -13.85 27.14 11.75
C TYR B 56 -12.68 26.17 11.81
N THR B 57 -12.95 24.96 12.32
CA THR B 57 -11.97 23.89 12.26
C THR B 57 -12.26 23.07 11.00
N VAL B 58 -11.32 23.08 10.07
CA VAL B 58 -11.46 22.36 8.82
C VAL B 58 -10.18 21.58 8.56
N PHE B 59 -10.33 20.27 8.42
CA PHE B 59 -9.20 19.36 8.19
C PHE B 59 -8.11 19.57 9.24
N GLY B 60 -8.53 19.78 10.48
CA GLY B 60 -7.60 19.89 11.58
C GLY B 60 -6.94 21.25 11.73
N GLU B 61 -7.25 22.20 10.85
CA GLU B 61 -6.67 23.53 10.93
C GLU B 61 -7.73 24.56 11.32
N ASN B 62 -7.26 25.64 11.95
CA ASN B 62 -8.15 26.76 12.29
C ASN B 62 -8.11 27.75 11.13
N LYS B 63 -9.19 27.80 10.36
CA LYS B 63 -9.28 28.65 9.19
C LYS B 63 -10.31 29.76 9.41
N GLN B 64 -10.00 30.95 8.94
CA GLN B 64 -10.89 32.10 9.03
C GLN B 64 -11.51 32.36 7.67
N PHE B 65 -12.84 32.38 7.61
CA PHE B 65 -13.57 32.68 6.38
C PHE B 65 -14.44 33.91 6.60
N ASN B 66 -14.47 34.83 5.64
CA ASN B 66 -15.48 35.88 5.67
C ASN B 66 -16.75 35.35 5.05
N VAL B 67 -17.84 35.42 5.81
CA VAL B 67 -19.12 34.88 5.41
C VAL B 67 -20.19 35.96 5.54
N ARG B 68 -21.30 35.73 4.87
CA ARG B 68 -22.46 36.61 4.92
C ARG B 68 -23.67 35.82 4.46
N ASN B 69 -24.84 36.30 4.89
CA ASN B 69 -26.09 35.69 4.47
C ASN B 69 -27.16 36.79 4.53
N ASP B 70 -27.52 37.32 3.37
CA ASP B 70 -28.57 38.32 3.29
C ASP B 70 -29.95 37.71 3.10
N SER B 71 -30.07 36.40 3.21
CA SER B 71 -31.30 35.69 2.90
C SER B 71 -32.13 35.46 4.16
N ASP B 72 -33.40 35.09 3.95
CA ASP B 72 -34.24 34.54 5.00
C ASP B 72 -33.99 33.07 5.25
N LYS B 73 -33.22 32.42 4.38
CA LYS B 73 -32.90 31.00 4.49
C LYS B 73 -31.46 30.82 4.99
N TRP B 74 -31.11 29.58 5.26
CA TRP B 74 -29.73 29.24 5.60
C TRP B 74 -28.91 29.17 4.32
N LYS B 75 -27.61 29.43 4.45
CA LYS B 75 -26.70 29.30 3.31
C LYS B 75 -25.60 28.31 3.67
N PHE B 76 -25.45 27.29 2.83
CA PHE B 76 -24.42 26.28 3.03
C PHE B 76 -23.35 26.52 1.97
N LEU B 77 -22.18 26.95 2.42
CA LEU B 77 -21.06 27.34 1.57
C LEU B 77 -20.12 26.15 1.42
N GLU B 78 -19.90 25.72 0.18
CA GLU B 78 -18.85 24.75 -0.12
C GLU B 78 -17.52 25.49 -0.22
N MET B 79 -16.64 25.27 0.76
CA MET B 79 -15.26 25.75 0.72
C MET B 79 -14.40 24.67 0.09
N PHE B 80 -13.79 24.97 -1.06
CA PHE B 80 -13.12 23.96 -1.86
C PHE B 80 -11.64 24.30 -2.05
N ARG B 81 -10.83 23.26 -2.17
CA ARG B 81 -9.47 23.41 -2.65
C ARG B 81 -9.04 22.10 -3.28
N SER B 82 -8.08 22.17 -4.21
CA SER B 82 -7.60 21.00 -4.92
C SER B 82 -6.15 20.66 -4.59
N SER B 83 -5.58 21.30 -3.59
CA SER B 83 -4.23 21.00 -3.15
C SER B 83 -4.10 21.37 -1.68
N SER B 84 -3.29 20.60 -0.95
CA SER B 84 -3.17 20.84 0.49
C SER B 84 -2.44 22.14 0.82
N GLN B 85 -1.83 22.79 -0.16
CA GLN B 85 -1.12 24.05 0.07
C GLN B 85 -1.86 25.24 -0.52
N ASN B 86 -3.07 25.04 -1.05
CA ASN B 86 -3.91 26.14 -1.51
C ASN B 86 -4.82 26.61 -0.38
N GLU B 87 -5.19 27.88 -0.43
CA GLU B 87 -6.26 28.35 0.43
C GLU B 87 -7.61 27.90 -0.14
N PHE B 88 -8.66 28.06 0.66
CA PHE B 88 -10.01 27.69 0.24
C PHE B 88 -10.69 28.86 -0.45
N TYR B 89 -11.71 28.55 -1.24
CA TYR B 89 -12.60 29.57 -1.79
C TYR B 89 -14.02 29.01 -1.84
N ASN B 90 -15.00 29.92 -1.85
CA ASN B 90 -16.40 29.53 -1.87
C ASN B 90 -16.80 29.13 -3.27
N ARG B 91 -16.86 27.83 -3.54
CA ARG B 91 -17.10 27.34 -4.89
C ARG B 91 -18.58 27.24 -5.23
N ARG B 92 -19.42 26.84 -4.26
CA ARG B 92 -20.86 26.73 -4.48
C ARG B 92 -21.59 27.10 -3.20
N THR B 93 -22.88 27.37 -3.35
CA THR B 93 -23.75 27.72 -2.24
C THR B 93 -25.09 27.04 -2.42
N LEU B 94 -25.61 26.49 -1.33
CA LEU B 94 -26.98 25.96 -1.28
C LEU B 94 -27.76 26.85 -0.33
N THR B 95 -28.75 27.56 -0.86
CA THR B 95 -29.64 28.39 -0.03
C THR B 95 -30.89 27.58 0.26
N SER B 96 -31.14 27.33 1.55
CA SER B 96 -32.09 26.28 1.91
C SER B 96 -32.75 26.62 3.24
N ASP B 97 -34.05 26.35 3.32
CA ASP B 97 -34.75 26.35 4.59
C ASP B 97 -35.15 24.94 5.02
N THR B 98 -34.65 23.92 4.32
CA THR B 98 -34.74 22.55 4.82
C THR B 98 -33.50 22.13 5.59
N LYS B 99 -32.37 22.79 5.34
CA LYS B 99 -31.11 22.52 6.04
C LYS B 99 -30.57 21.12 5.76
N LEU B 100 -30.95 20.55 4.63
CA LEU B 100 -30.43 19.27 4.17
C LEU B 100 -29.41 19.50 3.08
N VAL B 101 -28.26 18.83 3.20
CA VAL B 101 -27.15 18.93 2.25
C VAL B 101 -26.84 17.53 1.73
N GLY B 102 -26.46 17.42 0.46
CA GLY B 102 -26.26 16.12 -0.14
C GLY B 102 -24.92 16.01 -0.84
N ILE B 103 -24.35 14.81 -0.78
CA ILE B 103 -23.07 14.55 -1.44
C ILE B 103 -23.05 13.11 -1.95
N LEU B 104 -22.64 12.93 -3.20
CA LEU B 104 -22.71 11.63 -3.87
C LEU B 104 -21.41 11.38 -4.62
N LYS B 105 -20.86 10.18 -4.47
CA LYS B 105 -19.72 9.74 -5.28
C LYS B 105 -20.26 8.92 -6.44
N TYR B 106 -20.08 9.40 -7.67
CA TYR B 106 -20.63 8.68 -8.81
C TYR B 106 -19.96 9.10 -10.10
N GLY B 107 -19.74 8.13 -10.99
CA GLY B 107 -19.22 8.42 -12.32
C GLY B 107 -17.92 9.17 -12.32
N GLY B 108 -17.00 8.84 -11.42
CA GLY B 108 -15.74 9.52 -11.34
C GLY B 108 -15.80 10.94 -10.83
N ARG B 109 -16.96 11.39 -10.33
CA ARG B 109 -17.13 12.77 -9.90
C ARG B 109 -17.85 12.81 -8.55
N ILE B 110 -17.73 13.97 -7.88
CA ILE B 110 -18.46 14.28 -6.66
C ILE B 110 -19.64 15.17 -7.02
N TRP B 111 -20.85 14.75 -6.68
CA TRP B 111 -22.05 15.50 -6.97
C TRP B 111 -22.64 16.09 -5.70
N THR B 112 -23.03 17.35 -5.75
CA THR B 112 -23.70 18.00 -4.63
C THR B 112 -24.89 18.80 -5.15
N PHE B 113 -25.70 19.31 -4.23
CA PHE B 113 -26.81 20.17 -4.56
C PHE B 113 -26.42 21.62 -4.34
N HIS B 114 -26.82 22.50 -5.25
CA HIS B 114 -26.63 23.93 -5.07
C HIS B 114 -27.83 24.68 -5.65
N GLY B 115 -27.82 25.99 -5.48
CA GLY B 115 -28.96 26.82 -5.84
C GLY B 115 -29.80 27.17 -4.63
N GLU B 116 -31.10 27.42 -4.82
CA GLU B 116 -31.99 27.79 -3.74
C GLU B 116 -33.23 26.90 -3.77
N THR B 117 -33.57 26.34 -2.60
CA THR B 117 -34.75 25.50 -2.49
C THR B 117 -36.00 26.33 -2.78
N PRO B 118 -37.06 25.71 -3.33
CA PRO B 118 -37.19 24.28 -3.66
C PRO B 118 -36.68 23.91 -5.05
N ARG B 119 -35.71 24.65 -5.58
CA ARG B 119 -35.23 24.44 -6.94
C ARG B 119 -33.73 24.16 -7.00
N ALA B 120 -33.17 23.61 -5.93
CA ALA B 120 -31.76 23.23 -5.96
C ALA B 120 -31.55 22.09 -6.95
N THR B 121 -30.39 22.10 -7.60
CA THR B 121 -30.05 21.12 -8.63
C THR B 121 -28.66 20.56 -8.36
N THR B 122 -28.37 19.42 -8.98
CA THR B 122 -27.08 18.79 -8.78
C THR B 122 -26.02 19.40 -9.68
N ASP B 123 -24.79 19.39 -9.19
CA ASP B 123 -23.62 19.86 -9.91
C ASP B 123 -22.46 18.95 -9.55
N SER B 124 -21.52 18.82 -10.48
CA SER B 124 -20.42 17.88 -10.33
C SER B 124 -19.10 18.61 -10.12
N SER B 125 -18.19 17.92 -9.44
CA SER B 125 -16.81 18.35 -9.26
C SER B 125 -15.92 17.18 -9.65
N ASN B 126 -14.91 17.47 -10.48
CA ASN B 126 -14.02 16.43 -10.99
C ASN B 126 -12.95 16.08 -9.96
N THR B 127 -12.46 14.84 -10.05
CA THR B 127 -11.36 14.38 -9.23
C THR B 127 -10.68 13.23 -9.95
N ALA B 128 -9.37 13.10 -9.72
CA ALA B 128 -8.61 11.98 -10.25
C ALA B 128 -8.71 10.74 -9.37
N ASN B 129 -9.18 10.88 -8.13
CA ASN B 129 -9.30 9.74 -7.20
C ASN B 129 -10.63 9.85 -6.46
N LEU B 130 -11.68 9.26 -7.04
CA LEU B 130 -12.98 9.28 -6.40
C LEU B 130 -13.02 8.32 -5.22
N ASN B 131 -12.42 7.14 -5.36
CA ASN B 131 -12.63 6.06 -4.40
C ASN B 131 -12.07 6.38 -3.01
N ASP B 132 -11.00 7.18 -2.93
CA ASP B 132 -10.36 7.45 -1.66
C ASP B 132 -10.91 8.69 -0.96
N ILE B 133 -12.00 9.26 -1.46
CA ILE B 133 -12.64 10.39 -0.81
C ILE B 133 -13.40 9.88 0.41
N SER B 134 -13.04 10.40 1.59
CA SER B 134 -13.72 10.09 2.84
C SER B 134 -14.35 11.36 3.40
N ILE B 135 -15.12 11.19 4.48
CA ILE B 135 -15.92 12.29 5.01
C ILE B 135 -15.99 12.19 6.53
N ILE B 136 -15.99 13.37 7.16
CA ILE B 136 -16.37 13.56 8.55
C ILE B 136 -17.70 14.30 8.55
N ILE B 137 -18.72 13.69 9.14
CA ILE B 137 -20.06 14.24 9.22
C ILE B 137 -20.35 14.60 10.67
N HIS B 138 -20.75 15.86 10.90
CA HIS B 138 -20.89 16.43 12.24
C HIS B 138 -22.33 16.45 12.74
N SER B 139 -23.27 15.85 12.01
N SER B 139 -23.28 15.85 12.01
CA SER B 139 -24.66 15.78 12.42
CA SER B 139 -24.65 15.76 12.47
C SER B 139 -25.26 14.48 11.93
C SER B 139 -25.28 14.50 11.88
N GLU B 140 -26.55 14.27 12.21
CA GLU B 140 -27.23 13.09 11.72
C GLU B 140 -27.33 13.12 10.20
N PHE B 141 -27.33 11.93 9.60
CA PHE B 141 -27.41 11.83 8.14
C PHE B 141 -28.17 10.57 7.75
N TYR B 142 -28.48 10.50 6.46
CA TYR B 142 -29.20 9.40 5.84
C TYR B 142 -28.43 8.95 4.59
N ILE B 143 -28.69 7.71 4.17
CA ILE B 143 -28.10 7.13 2.98
C ILE B 143 -29.22 6.81 2.00
N ILE B 144 -29.10 7.31 0.77
CA ILE B 144 -30.14 7.08 -0.24
C ILE B 144 -29.48 6.53 -1.50
N PRO B 145 -29.95 5.41 -2.05
CA PRO B 145 -29.34 4.92 -3.30
C PRO B 145 -29.58 5.89 -4.44
N ARG B 146 -28.60 5.97 -5.35
CA ARG B 146 -28.73 6.86 -6.50
C ARG B 146 -29.94 6.51 -7.34
N SER B 147 -30.33 5.22 -7.33
CA SER B 147 -31.55 4.80 -7.98
C SER B 147 -32.79 5.55 -7.48
N GLN B 148 -32.70 6.17 -6.30
CA GLN B 148 -33.80 6.97 -5.76
C GLN B 148 -33.42 8.44 -5.60
N GLU B 149 -32.56 8.93 -6.50
CA GLU B 149 -32.13 10.32 -6.43
C GLU B 149 -33.32 11.28 -6.43
N SER B 150 -34.37 10.97 -7.20
CA SER B 150 -35.55 11.83 -7.20
C SER B 150 -36.02 12.08 -5.77
N LYS B 151 -36.18 11.02 -4.99
CA LYS B 151 -36.52 11.16 -3.58
C LYS B 151 -35.55 12.10 -2.88
N CYS B 152 -34.25 11.85 -3.01
CA CYS B 152 -33.25 12.73 -2.40
C CYS B 152 -33.48 14.16 -2.84
N ASN B 153 -33.67 14.37 -4.14
CA ASN B 153 -33.97 15.72 -4.63
C ASN B 153 -35.14 16.31 -3.86
N GLU B 154 -36.25 15.58 -3.82
CA GLU B 154 -37.42 16.03 -3.08
C GLU B 154 -37.03 16.48 -1.67
N TYR B 155 -36.32 15.61 -0.93
CA TYR B 155 -35.95 15.97 0.44
C TYR B 155 -35.14 17.25 0.45
N ILE B 156 -34.08 17.30 -0.35
CA ILE B 156 -33.22 18.48 -0.41
C ILE B 156 -34.07 19.73 -0.55
N ASN B 157 -35.09 19.67 -1.41
CA ASN B 157 -35.81 20.88 -1.75
C ASN B 157 -37.01 21.12 -0.86
N ASN B 158 -37.53 20.08 -0.20
CA ASN B 158 -38.78 20.21 0.53
C ASN B 158 -38.73 19.71 1.96
N GLY B 159 -37.64 19.07 2.37
CA GLY B 159 -37.53 18.53 3.70
C GLY B 159 -38.13 17.13 3.80
N LEU B 160 -37.98 16.55 4.98
CA LEU B 160 -38.59 15.26 5.27
C LEU B 160 -40.06 15.47 5.63
N ILE C 1 -15.60 22.34 24.19
CA ILE C 1 -15.24 22.22 22.78
C ILE C 1 -14.63 20.84 22.50
N LEU C 2 -14.72 19.94 23.47
CA LEU C 2 -14.14 18.61 23.32
C LEU C 2 -15.08 17.73 22.50
N ASP C 3 -14.60 17.26 21.35
CA ASP C 3 -15.39 16.46 20.41
C ASP C 3 -15.41 15.01 20.90
N GLY C 4 -16.52 14.60 21.50
CA GLY C 4 -16.64 13.26 22.02
C GLY C 4 -17.44 13.24 23.31
N PRO C 5 -17.47 12.09 24.00
CA PRO C 5 -16.76 10.86 23.61
C PRO C 5 -17.48 10.01 22.56
N TYR C 6 -16.69 9.25 21.81
CA TYR C 6 -17.18 8.32 20.80
C TYR C 6 -17.05 6.89 21.30
N GLN C 7 -17.94 6.02 20.83
CA GLN C 7 -17.93 4.64 21.26
C GLN C 7 -16.83 3.85 20.56
N PRO C 8 -16.39 2.73 21.15
CA PRO C 8 -15.38 1.89 20.50
C PRO C 8 -15.80 1.53 19.08
N THR C 9 -14.82 1.47 18.18
CA THR C 9 -15.15 1.33 16.76
C THR C 9 -13.88 1.07 15.97
N THR C 10 -14.07 0.78 14.68
CA THR C 10 -12.98 0.60 13.73
C THR C 10 -13.14 1.63 12.61
N PHE C 11 -12.10 2.43 12.38
CA PHE C 11 -12.18 3.40 11.29
C PHE C 11 -10.78 3.85 10.90
N THR C 12 -10.70 4.54 9.76
CA THR C 12 -9.47 5.16 9.30
C THR C 12 -9.42 6.60 9.80
N PRO C 13 -8.60 6.94 10.79
CA PRO C 13 -8.60 8.30 11.31
C PRO C 13 -8.24 9.30 10.22
N PRO C 14 -8.86 10.47 10.22
CA PRO C 14 -8.50 11.50 9.24
C PRO C 14 -7.14 12.09 9.55
N ILE C 15 -6.49 12.59 8.50
CA ILE C 15 -5.22 13.29 8.67
C ILE C 15 -5.44 14.54 9.52
N ASP C 16 -4.47 14.85 10.37
CA ASP C 16 -4.37 16.11 11.12
C ASP C 16 -5.31 16.18 12.32
N TYR C 17 -5.73 15.03 12.86
CA TYR C 17 -6.55 14.99 14.06
C TYR C 17 -5.94 14.03 15.07
N TRP C 18 -5.80 14.50 16.31
CA TRP C 18 -5.48 13.62 17.43
C TRP C 18 -6.71 12.78 17.80
N ILE C 19 -6.50 11.48 17.95
CA ILE C 19 -7.44 10.56 18.58
C ILE C 19 -6.97 10.35 20.00
N LEU C 20 -7.80 10.74 20.96
CA LEU C 20 -7.48 10.68 22.38
C LEU C 20 -8.37 9.60 23.01
N ILE C 21 -7.76 8.50 23.43
CA ILE C 21 -8.47 7.31 23.87
C ILE C 21 -8.38 7.22 25.38
N ASN C 22 -9.54 7.06 26.02
CA ASN C 22 -9.65 6.96 27.47
C ASN C 22 -9.70 5.48 27.83
N SER C 23 -8.53 4.92 28.14
CA SER C 23 -8.44 3.51 28.51
C SER C 23 -9.23 3.23 29.78
N ASN C 24 -9.82 2.05 29.85
CA ASN C 24 -10.64 1.68 30.99
C ASN C 24 -10.38 0.29 31.54
N THR C 25 -9.41 -0.45 31.00
CA THR C 25 -9.06 -1.76 31.55
C THR C 25 -7.65 -2.11 31.11
N ASN C 26 -7.15 -3.24 31.61
CA ASN C 26 -5.79 -3.69 31.33
C ASN C 26 -5.74 -4.64 30.13
N GLY C 27 -6.33 -4.22 29.01
CA GLY C 27 -6.31 -5.02 27.81
C GLY C 27 -5.66 -4.29 26.65
N VAL C 28 -6.05 -4.65 25.43
CA VAL C 28 -5.60 -3.91 24.26
C VAL C 28 -6.38 -2.60 24.20
N VAL C 29 -5.67 -1.49 24.14
CA VAL C 29 -6.31 -0.18 24.07
C VAL C 29 -6.72 0.13 22.64
N TYR C 30 -5.83 -0.09 21.69
CA TYR C 30 -6.14 0.07 20.27
C TYR C 30 -5.19 -0.78 19.45
N GLU C 31 -5.61 -1.08 18.23
CA GLU C 31 -4.79 -1.78 17.25
C GLU C 31 -4.76 -0.94 15.97
N SER C 32 -3.58 -0.66 15.45
CA SER C 32 -3.46 0.20 14.29
C SER C 32 -2.61 -0.48 13.23
N THR C 33 -3.07 -0.43 11.98
CA THR C 33 -2.28 -1.01 10.90
C THR C 33 -2.71 -0.44 9.56
N ASN C 34 -1.77 -0.44 8.61
CA ASN C 34 -2.06 -0.25 7.20
C ASN C 34 -1.98 -1.56 6.41
N ASN C 35 -1.73 -2.68 7.07
CA ASN C 35 -1.62 -4.01 6.47
C ASN C 35 -0.45 -4.15 5.50
N SER C 36 0.48 -3.20 5.49
CA SER C 36 1.68 -3.34 4.66
C SER C 36 2.98 -3.29 5.47
N ASP C 37 3.23 -2.20 6.22
CA ASP C 37 4.52 -2.08 6.89
C ASP C 37 4.41 -1.50 8.31
N PHE C 38 3.22 -1.49 8.90
CA PHE C 38 3.01 -0.81 10.17
C PHE C 38 1.92 -1.54 10.94
N TRP C 39 2.28 -2.13 12.08
CA TRP C 39 1.34 -2.73 13.03
C TRP C 39 1.73 -2.25 14.42
N THR C 40 0.85 -1.48 15.07
CA THR C 40 1.06 -1.11 16.46
C THR C 40 -0.19 -1.46 17.27
N ALA C 41 0.02 -2.20 18.36
CA ALA C 41 -1.02 -2.46 19.34
C ALA C 41 -0.52 -1.96 20.69
N VAL C 42 -1.33 -1.16 21.37
CA VAL C 42 -0.99 -0.69 22.71
C VAL C 42 -1.70 -1.58 23.71
N VAL C 43 -0.95 -2.08 24.69
CA VAL C 43 -1.52 -2.85 25.79
C VAL C 43 -1.37 -2.05 27.07
N ALA C 44 -2.39 -2.11 27.93
CA ALA C 44 -2.44 -1.34 29.15
C ALA C 44 -2.06 -2.25 30.33
N ILE C 45 -1.06 -1.83 31.10
CA ILE C 45 -0.56 -2.60 32.24
C ILE C 45 -0.82 -1.78 33.51
N GLU C 46 -1.58 -2.35 34.43
CA GLU C 46 -1.93 -1.69 35.68
C GLU C 46 -0.68 -1.54 36.55
N PRO C 47 -0.75 -0.69 37.59
CA PRO C 47 0.43 -0.52 38.45
C PRO C 47 0.79 -1.79 39.19
N HIS C 48 2.08 -1.91 39.51
CA HIS C 48 2.61 -2.96 40.38
C HIS C 48 2.30 -4.36 39.83
N VAL C 49 2.90 -4.64 38.68
CA VAL C 49 2.78 -5.93 38.02
C VAL C 49 4.19 -6.51 37.88
N ASN C 50 4.47 -7.57 38.62
CA ASN C 50 5.71 -8.30 38.44
C ASN C 50 5.75 -8.93 37.04
N PRO C 51 6.94 -9.07 36.45
CA PRO C 51 7.02 -9.59 35.07
C PRO C 51 6.29 -10.91 34.92
N VAL C 52 5.51 -11.02 33.85
CA VAL C 52 4.62 -12.17 33.64
C VAL C 52 4.20 -12.18 32.18
N ASP C 53 3.88 -13.37 31.68
CA ASP C 53 3.36 -13.52 30.32
C ASP C 53 1.83 -13.40 30.34
N ARG C 54 1.31 -12.57 29.44
CA ARG C 54 -0.14 -12.42 29.27
C ARG C 54 -0.49 -12.59 27.80
N GLN C 55 -1.68 -13.14 27.57
CA GLN C 55 -2.19 -13.36 26.22
C GLN C 55 -3.11 -12.20 25.82
N TYR C 56 -2.86 -11.63 24.64
CA TYR C 56 -3.68 -10.57 24.09
C TYR C 56 -4.14 -10.97 22.70
N THR C 57 -5.35 -10.57 22.36
CA THR C 57 -5.82 -10.69 20.98
C THR C 57 -5.44 -9.43 20.23
N VAL C 58 -4.59 -9.58 19.21
CA VAL C 58 -4.06 -8.45 18.48
C VAL C 58 -4.07 -8.83 17.00
N PHE C 59 -4.75 -8.00 16.18
CA PHE C 59 -4.85 -8.22 14.73
C PHE C 59 -5.35 -9.63 14.41
N GLY C 60 -6.37 -10.06 15.17
CA GLY C 60 -6.98 -11.36 14.97
C GLY C 60 -6.17 -12.54 15.47
N GLU C 61 -5.03 -12.32 16.11
CA GLU C 61 -4.14 -13.38 16.55
C GLU C 61 -4.03 -13.40 18.06
N ASN C 62 -3.79 -14.58 18.60
CA ASN C 62 -3.50 -14.76 20.02
C ASN C 62 -2.00 -14.65 20.22
N LYS C 63 -1.55 -13.61 20.92
CA LYS C 63 -0.14 -13.32 21.09
C LYS C 63 0.22 -13.27 22.56
N GLN C 64 1.40 -13.77 22.90
CA GLN C 64 1.89 -13.74 24.28
C GLN C 64 2.92 -12.62 24.41
N PHE C 65 2.69 -11.71 25.35
CA PHE C 65 3.61 -10.62 25.64
C PHE C 65 4.08 -10.75 27.09
N ASN C 66 5.38 -10.63 27.30
CA ASN C 66 5.88 -10.54 28.67
C ASN C 66 5.86 -9.08 29.11
N VAL C 67 5.39 -8.86 30.33
CA VAL C 67 4.83 -7.58 30.74
C VAL C 67 5.24 -7.31 32.19
N ARG C 68 5.56 -6.06 32.49
CA ARG C 68 5.89 -5.66 33.85
C ARG C 68 5.56 -4.18 34.02
N ASN C 69 5.26 -3.80 35.27
CA ASN C 69 5.03 -2.38 35.60
C ASN C 69 5.32 -2.21 37.09
N ASP C 70 6.48 -1.64 37.40
CA ASP C 70 6.89 -1.40 38.78
C ASP C 70 6.55 0.01 39.25
N SER C 71 5.57 0.66 38.65
CA SER C 71 5.26 2.05 38.93
C SER C 71 3.90 2.18 39.60
N ASP C 72 3.70 3.33 40.24
CA ASP C 72 2.39 3.69 40.79
C ASP C 72 1.37 3.99 39.70
N LYS C 73 1.84 4.30 38.50
CA LYS C 73 0.98 4.68 37.40
C LYS C 73 0.82 3.51 36.41
N TRP C 74 -0.18 3.64 35.55
CA TRP C 74 -0.37 2.69 34.47
C TRP C 74 0.73 2.85 33.42
N LYS C 75 0.99 1.78 32.67
CA LYS C 75 1.97 1.81 31.60
C LYS C 75 1.33 1.27 30.33
N PHE C 76 1.35 2.08 29.27
CA PHE C 76 0.78 1.74 27.98
C PHE C 76 1.91 1.41 27.04
N LEU C 77 2.01 0.14 26.67
CA LEU C 77 3.11 -0.40 25.88
C LEU C 77 2.73 -0.40 24.41
N GLU C 78 3.51 0.31 23.59
CA GLU C 78 3.38 0.25 22.14
C GLU C 78 4.15 -0.97 21.65
N MET C 79 3.44 -2.01 21.20
CA MET C 79 4.02 -3.19 20.59
C MET C 79 3.95 -3.04 19.08
N PHE C 80 5.11 -3.06 18.43
CA PHE C 80 5.21 -2.75 17.01
C PHE C 80 5.82 -3.91 16.23
N ARG C 81 5.33 -4.09 15.01
CA ARG C 81 6.00 -4.92 14.01
C ARG C 81 5.74 -4.30 12.65
N SER C 82 6.69 -4.50 11.73
CA SER C 82 6.58 -3.98 10.37
C SER C 82 6.13 -5.02 9.36
N SER C 83 5.99 -6.28 9.77
CA SER C 83 5.49 -7.31 8.89
C SER C 83 4.81 -8.38 9.75
N SER C 84 3.76 -8.98 9.19
CA SER C 84 3.00 -10.00 9.89
C SER C 84 3.86 -11.19 10.30
N GLN C 85 5.08 -11.30 9.77
CA GLN C 85 5.98 -12.41 10.08
C GLN C 85 6.95 -12.09 11.21
N ASN C 86 7.14 -10.82 11.54
CA ASN C 86 7.99 -10.43 12.64
C ASN C 86 7.23 -10.50 13.95
N GLU C 87 7.96 -10.71 15.04
CA GLU C 87 7.35 -10.65 16.36
C GLU C 87 7.34 -9.20 16.86
N PHE C 88 6.36 -8.90 17.69
CA PHE C 88 6.24 -7.56 18.25
C PHE C 88 7.37 -7.31 19.26
N TYR C 89 7.77 -6.05 19.36
CA TYR C 89 8.63 -5.59 20.44
C TYR C 89 8.07 -4.30 21.01
N ASN C 90 8.43 -4.02 22.25
CA ASN C 90 7.97 -2.83 22.96
C ASN C 90 8.74 -1.62 22.43
N ARG C 91 8.12 -0.89 21.49
CA ARG C 91 8.82 0.21 20.83
C ARG C 91 8.87 1.45 21.69
N ARG C 92 7.75 1.80 22.35
CA ARG C 92 7.64 2.96 23.21
C ARG C 92 6.74 2.62 24.38
N THR C 93 6.78 3.48 25.40
CA THR C 93 5.92 3.31 26.56
C THR C 93 5.45 4.68 27.04
N LEU C 94 4.17 4.77 27.38
CA LEU C 94 3.62 5.95 28.02
C LEU C 94 3.22 5.58 29.44
N THR C 95 3.82 6.26 30.42
CA THR C 95 3.52 6.01 31.83
C THR C 95 2.61 7.12 32.33
N SER C 96 1.40 6.76 32.73
CA SER C 96 0.36 7.75 32.94
C SER C 96 -0.56 7.35 34.08
N ASP C 97 -1.03 8.34 34.84
CA ASP C 97 -2.14 8.16 35.76
C ASP C 97 -3.41 8.82 35.26
N THR C 98 -3.39 9.40 34.06
CA THR C 98 -4.62 9.88 33.43
C THR C 98 -5.25 8.83 32.54
N LYS C 99 -4.48 7.84 32.09
CA LYS C 99 -4.98 6.71 31.31
C LYS C 99 -5.51 7.15 29.94
N LEU C 100 -5.00 8.27 29.44
CA LEU C 100 -5.32 8.77 28.12
C LEU C 100 -4.15 8.52 27.18
N VAL C 101 -4.44 8.05 25.98
CA VAL C 101 -3.43 7.75 24.98
C VAL C 101 -3.80 8.50 23.70
N GLY C 102 -2.80 9.00 22.99
CA GLY C 102 -3.04 9.84 21.81
C GLY C 102 -2.37 9.28 20.57
N ILE C 103 -3.06 9.40 19.44
CA ILE C 103 -2.46 9.00 18.16
C ILE C 103 -2.87 10.00 17.09
N LEU C 104 -1.92 10.44 16.27
CA LEU C 104 -2.13 11.49 15.29
C LEU C 104 -1.46 11.09 13.99
N LYS C 105 -2.15 11.32 12.88
CA LYS C 105 -1.58 11.15 11.54
C LYS C 105 -1.23 12.53 11.01
N TYR C 106 0.07 12.80 10.80
CA TYR C 106 0.47 14.12 10.35
C TYR C 106 1.86 14.08 9.74
N GLY C 107 2.05 14.85 8.67
CA GLY C 107 3.32 15.00 8.00
C GLY C 107 3.96 13.69 7.59
N GLY C 108 3.17 12.79 7.00
CA GLY C 108 3.66 11.49 6.60
C GLY C 108 4.03 10.55 7.73
N ARG C 109 3.77 10.93 8.99
CA ARG C 109 4.21 10.15 10.13
C ARG C 109 3.08 9.93 11.11
N ILE C 110 3.24 8.89 11.94
CA ILE C 110 2.32 8.61 13.05
C ILE C 110 2.95 9.16 14.33
N TRP C 111 2.24 10.07 15.00
CA TRP C 111 2.70 10.65 16.25
C TRP C 111 1.91 10.06 17.41
N THR C 112 2.63 9.71 18.48
CA THR C 112 2.00 9.26 19.72
C THR C 112 2.66 9.96 20.89
N PHE C 113 2.06 9.82 22.07
CA PHE C 113 2.62 10.34 23.30
C PHE C 113 3.39 9.25 24.02
N HIS C 114 4.58 9.59 24.52
CA HIS C 114 5.37 8.68 25.34
C HIS C 114 6.06 9.49 26.44
N GLY C 115 6.64 8.76 27.39
CA GLY C 115 7.26 9.39 28.54
C GLY C 115 6.45 9.12 29.79
N GLU C 116 6.47 10.05 30.74
CA GLU C 116 5.66 9.91 31.94
C GLU C 116 4.93 11.21 32.23
N THR C 117 3.63 11.11 32.50
CA THR C 117 2.86 12.27 32.90
C THR C 117 3.40 12.84 34.20
N PRO C 118 3.27 14.16 34.43
CA PRO C 118 2.63 15.12 33.52
C PRO C 118 3.57 15.72 32.48
N ARG C 119 4.65 15.01 32.11
CA ARG C 119 5.63 15.55 31.19
C ARG C 119 5.80 14.67 29.94
N ALA C 120 4.74 13.99 29.53
CA ALA C 120 4.82 13.17 28.33
C ALA C 120 4.90 14.06 27.09
N THR C 121 5.63 13.58 26.09
CA THR C 121 5.89 14.32 24.86
C THR C 121 5.56 13.46 23.66
N THR C 122 5.44 14.10 22.49
CA THR C 122 5.11 13.39 21.26
C THR C 122 6.37 12.83 20.59
N ASP C 123 6.16 11.75 19.84
CA ASP C 123 7.22 11.11 19.06
C ASP C 123 6.60 10.56 17.78
N SER C 124 7.44 10.40 16.76
CA SER C 124 6.99 10.03 15.44
C SER C 124 7.49 8.65 15.04
N SER C 125 6.72 8.01 14.16
CA SER C 125 7.08 6.76 13.52
C SER C 125 6.82 6.90 12.02
N ASN C 126 7.72 6.35 11.22
CA ASN C 126 7.63 6.40 9.77
C ASN C 126 6.81 5.25 9.23
N THR C 127 6.33 5.43 8.01
CA THR C 127 5.59 4.40 7.29
C THR C 127 5.57 4.78 5.82
N ALA C 128 5.47 3.77 4.96
CA ALA C 128 5.33 4.01 3.54
C ALA C 128 3.91 4.41 3.17
N ASN C 129 2.92 4.16 4.03
CA ASN C 129 1.54 4.55 3.75
C ASN C 129 0.90 5.00 5.05
N LEU C 130 0.86 6.31 5.25
CA LEU C 130 0.19 6.89 6.41
C LEU C 130 -1.32 6.92 6.23
N ASN C 131 -1.78 7.27 5.03
CA ASN C 131 -3.20 7.52 4.82
C ASN C 131 -4.05 6.29 5.07
N ASP C 132 -3.53 5.11 4.77
CA ASP C 132 -4.26 3.85 4.88
C ASP C 132 -4.21 3.23 6.27
N ILE C 133 -3.57 3.89 7.23
CA ILE C 133 -3.52 3.36 8.58
C ILE C 133 -4.91 3.47 9.21
N SER C 134 -5.47 2.34 9.60
CA SER C 134 -6.75 2.27 10.28
C SER C 134 -6.52 1.83 11.73
N ILE C 135 -7.57 1.97 12.54
CA ILE C 135 -7.48 1.72 13.96
C ILE C 135 -8.76 1.04 14.45
N ILE C 136 -8.58 0.05 15.31
CA ILE C 136 -9.64 -0.50 16.14
C ILE C 136 -9.42 0.05 17.54
N ILE C 137 -10.45 0.74 18.07
CA ILE C 137 -10.39 1.40 19.37
C ILE C 137 -11.38 0.69 20.30
N HIS C 138 -10.88 0.24 21.45
CA HIS C 138 -11.62 -0.60 22.38
C HIS C 138 -12.19 0.16 23.57
N SER C 139 -12.19 1.49 23.52
CA SER C 139 -12.73 2.31 24.61
C SER C 139 -13.25 3.61 24.03
N GLU C 140 -13.87 4.41 24.89
CA GLU C 140 -14.36 5.72 24.46
C GLU C 140 -13.18 6.61 24.08
N PHE C 141 -13.41 7.49 23.11
CA PHE C 141 -12.33 8.37 22.64
C PHE C 141 -12.91 9.68 22.13
N TYR C 142 -11.99 10.63 21.91
CA TYR C 142 -12.28 11.99 21.48
C TYR C 142 -11.42 12.35 20.28
N ILE C 143 -11.88 13.36 19.54
CA ILE C 143 -11.16 13.87 18.37
C ILE C 143 -10.79 15.32 18.65
N ILE C 144 -9.51 15.66 18.47
CA ILE C 144 -9.00 17.00 18.71
C ILE C 144 -8.20 17.44 17.50
N PRO C 145 -8.53 18.55 16.86
CA PRO C 145 -7.73 18.99 15.71
C PRO C 145 -6.28 19.27 16.12
N ARG C 146 -5.36 19.09 15.18
CA ARG C 146 -3.97 19.41 15.46
C ARG C 146 -3.80 20.86 15.85
N SER C 147 -4.65 21.74 15.31
CA SER C 147 -4.63 23.14 15.70
C SER C 147 -4.76 23.32 17.21
N GLN C 148 -5.33 22.34 17.91
CA GLN C 148 -5.49 22.39 19.36
C GLN C 148 -4.62 21.36 20.07
N GLU C 149 -3.46 21.02 19.49
CA GLU C 149 -2.61 20.00 20.10
C GLU C 149 -2.22 20.37 21.53
N SER C 150 -1.99 21.66 21.80
CA SER C 150 -1.63 22.06 23.15
C SER C 150 -2.68 21.63 24.17
N LYS C 151 -3.95 21.67 23.77
CA LYS C 151 -5.00 21.16 24.65
C LYS C 151 -4.87 19.65 24.82
N CYS C 152 -4.70 18.92 23.71
CA CYS C 152 -4.55 17.46 23.78
C CYS C 152 -3.40 17.09 24.69
N ASN C 153 -2.23 17.69 24.46
CA ASN C 153 -1.09 17.54 25.35
C ASN C 153 -1.53 17.69 26.81
N GLU C 154 -2.18 18.81 27.12
CA GLU C 154 -2.64 19.04 28.49
C GLU C 154 -3.47 17.87 28.98
N TYR C 155 -4.46 17.46 28.19
CA TYR C 155 -5.29 16.31 28.57
C TYR C 155 -4.42 15.11 28.86
N ILE C 156 -3.54 14.76 27.90
CA ILE C 156 -2.69 13.58 28.07
C ILE C 156 -1.98 13.63 29.41
N ASN C 157 -1.50 14.81 29.78
CA ASN C 157 -0.65 14.93 30.95
C ASN C 157 -1.41 15.27 32.21
N ASN C 158 -2.68 15.66 32.11
CA ASN C 158 -3.36 16.14 33.32
C ASN C 158 -4.77 15.61 33.51
N GLY C 159 -5.35 14.93 32.52
CA GLY C 159 -6.70 14.43 32.61
C GLY C 159 -7.71 15.37 31.96
N LEU C 160 -8.92 14.87 31.81
CA LEU C 160 -10.02 15.67 31.30
C LEU C 160 -10.59 16.52 32.43
N ILE D 1 32.39 -20.79 -8.45
CA ILE D 1 31.00 -20.76 -8.00
C ILE D 1 30.63 -19.35 -7.55
N LEU D 2 31.49 -18.37 -7.84
CA LEU D 2 31.28 -17.00 -7.36
C LEU D 2 30.31 -16.27 -8.29
N ASP D 3 29.18 -15.84 -7.73
CA ASP D 3 28.10 -15.23 -8.51
C ASP D 3 28.40 -13.75 -8.70
N GLY D 4 28.83 -13.38 -9.91
CA GLY D 4 29.22 -12.03 -10.21
C GLY D 4 30.41 -12.01 -11.15
N PRO D 5 30.95 -10.82 -11.44
CA PRO D 5 30.49 -9.54 -10.89
C PRO D 5 29.25 -8.98 -11.57
N TYR D 6 28.49 -8.17 -10.85
CA TYR D 6 27.38 -7.42 -11.39
C TYR D 6 27.74 -5.94 -11.44
N GLN D 7 27.09 -5.22 -12.35
CA GLN D 7 27.35 -3.79 -12.54
C GLN D 7 26.71 -2.97 -11.43
N PRO D 8 27.22 -1.76 -11.19
CA PRO D 8 26.59 -0.86 -10.21
C PRO D 8 25.09 -0.72 -10.49
N THR D 9 24.30 -0.69 -9.42
CA THR D 9 22.86 -0.77 -9.61
C THR D 9 22.17 -0.40 -8.30
N THR D 10 20.86 -0.20 -8.39
CA THR D 10 20.00 0.03 -7.23
C THR D 10 18.97 -1.09 -7.17
N PHE D 11 18.88 -1.74 -6.01
CA PHE D 11 17.90 -2.82 -5.86
C PHE D 11 17.71 -3.17 -4.39
N THR D 12 16.69 -4.01 -4.15
CA THR D 12 16.41 -4.47 -2.80
C THR D 12 17.04 -5.84 -2.63
N PRO D 13 18.16 -5.95 -1.92
CA PRO D 13 18.86 -7.24 -1.85
C PRO D 13 17.98 -8.31 -1.25
N PRO D 14 18.02 -9.52 -1.78
CA PRO D 14 17.23 -10.61 -1.19
C PRO D 14 17.75 -10.95 0.19
N ILE D 15 16.82 -11.40 1.05
CA ILE D 15 17.20 -11.89 2.36
C ILE D 15 18.13 -13.09 2.22
N ASP D 16 19.09 -13.20 3.15
CA ASP D 16 19.98 -14.34 3.32
C ASP D 16 21.11 -14.38 2.29
N TYR D 17 21.50 -13.24 1.71
CA TYR D 17 22.61 -13.18 0.77
C TYR D 17 23.57 -12.07 1.12
N TRP D 18 24.87 -12.38 1.17
CA TRP D 18 25.90 -11.36 1.25
C TRP D 18 26.04 -10.66 -0.10
N ILE D 19 26.00 -9.33 -0.08
CA ILE D 19 26.45 -8.50 -1.18
C ILE D 19 27.89 -8.11 -0.87
N LEU D 20 28.80 -8.46 -1.78
CA LEU D 20 30.23 -8.22 -1.62
C LEU D 20 30.66 -7.21 -2.66
N ILE D 21 31.00 -6.00 -2.23
CA ILE D 21 31.27 -4.89 -3.13
C ILE D 21 32.77 -4.66 -3.21
N ASN D 22 33.28 -4.56 -4.44
CA ASN D 22 34.69 -4.29 -4.71
C ASN D 22 34.84 -2.80 -4.99
N SER D 23 35.32 -2.06 -4.00
CA SER D 23 35.44 -0.61 -4.12
C SER D 23 36.61 -0.26 -5.05
N ASN D 24 36.42 0.80 -5.85
CA ASN D 24 37.45 1.16 -6.82
C ASN D 24 37.89 2.62 -6.76
N THR D 25 37.37 3.42 -5.84
CA THR D 25 37.80 4.82 -5.74
C THR D 25 37.51 5.31 -4.33
N ASN D 26 37.93 6.54 -4.05
CA ASN D 26 37.75 7.14 -2.72
C ASN D 26 36.48 7.96 -2.62
N GLY D 27 35.35 7.33 -3.00
CA GLY D 27 34.06 7.98 -2.92
C GLY D 27 33.05 7.19 -2.10
N VAL D 28 31.77 7.38 -2.39
CA VAL D 28 30.72 6.60 -1.74
C VAL D 28 30.69 5.21 -2.35
N VAL D 29 30.84 4.19 -1.51
CA VAL D 29 30.84 2.81 -1.98
C VAL D 29 29.41 2.33 -2.20
N TYR D 30 28.53 2.59 -1.23
CA TYR D 30 27.12 2.25 -1.39
C TYR D 30 26.30 3.10 -0.42
N GLU D 31 25.00 3.18 -0.69
CA GLU D 31 24.01 3.83 0.16
C GLU D 31 22.90 2.84 0.45
N SER D 32 22.53 2.67 1.72
CA SER D 32 21.54 1.68 2.08
C SER D 32 20.49 2.30 2.98
N THR D 33 19.21 2.10 2.66
CA THR D 33 18.17 2.64 3.55
C THR D 33 16.86 1.89 3.37
N ASN D 34 16.03 1.93 4.42
CA ASN D 34 14.64 1.54 4.34
C ASN D 34 13.69 2.73 4.40
N ASN D 35 14.24 3.95 4.46
CA ASN D 35 13.50 5.20 4.60
C ASN D 35 12.65 5.27 5.87
N SER D 36 12.86 4.39 6.84
CA SER D 36 12.14 4.49 8.11
C SER D 36 13.08 4.68 9.29
N ASP D 37 14.02 3.76 9.53
CA ASP D 37 14.87 3.86 10.71
C ASP D 37 16.32 3.46 10.44
N PHE D 38 16.75 3.43 9.19
CA PHE D 38 18.08 2.91 8.87
C PHE D 38 18.60 3.62 7.62
N TRP D 39 19.72 4.32 7.77
CA TRP D 39 20.45 4.92 6.66
C TRP D 39 21.93 4.68 6.91
N THR D 40 22.58 3.91 6.04
CA THR D 40 24.03 3.72 6.12
C THR D 40 24.64 4.05 4.76
N ALA D 41 25.65 4.89 4.77
CA ALA D 41 26.45 5.14 3.57
C ALA D 41 27.90 4.90 3.92
N VAL D 42 28.59 4.14 3.09
CA VAL D 42 30.01 3.82 3.32
C VAL D 42 30.84 4.73 2.43
N VAL D 43 31.83 5.41 3.03
CA VAL D 43 32.76 6.23 2.27
C VAL D 43 34.14 5.60 2.36
N ALA D 44 34.87 5.61 1.24
CA ALA D 44 36.20 5.03 1.14
C ALA D 44 37.25 6.14 1.27
N ILE D 45 38.17 5.96 2.20
CA ILE D 45 39.25 6.90 2.45
C ILE D 45 40.56 6.19 2.12
N GLU D 46 41.31 6.77 1.18
CA GLU D 46 42.58 6.22 0.74
C GLU D 46 43.59 6.27 1.88
N PRO D 47 44.70 5.55 1.76
CA PRO D 47 45.70 5.59 2.84
C PRO D 47 46.29 6.98 3.04
N HIS D 48 46.64 7.26 4.30
CA HIS D 48 47.43 8.43 4.68
C HIS D 48 46.72 9.74 4.32
N VAL D 49 45.55 9.92 4.93
CA VAL D 49 44.72 11.11 4.77
C VAL D 49 44.71 11.85 6.10
N ASN D 50 45.31 13.03 6.12
CA ASN D 50 45.24 13.87 7.32
C ASN D 50 43.79 14.32 7.53
N PRO D 51 43.39 14.55 8.78
CA PRO D 51 42.01 14.94 9.06
C PRO D 51 41.55 16.11 8.18
N VAL D 52 40.43 15.91 7.50
CA VAL D 52 39.97 16.85 6.50
C VAL D 52 38.46 16.67 6.35
N ASP D 53 37.78 17.76 6.00
CA ASP D 53 36.37 17.72 5.64
C ASP D 53 36.24 17.41 4.14
N ARG D 54 35.42 16.42 3.81
CA ARG D 54 35.17 16.07 2.43
C ARG D 54 33.68 16.02 2.17
N GLN D 55 33.29 16.48 0.99
CA GLN D 55 31.89 16.48 0.59
C GLN D 55 31.55 15.22 -0.18
N TYR D 56 30.40 14.65 0.13
CA TYR D 56 29.90 13.45 -0.52
C TYR D 56 28.44 13.64 -0.85
N THR D 57 28.00 12.96 -1.90
CA THR D 57 26.58 12.88 -2.22
C THR D 57 26.04 11.62 -1.56
N VAL D 58 25.19 11.78 -0.55
CA VAL D 58 24.57 10.63 0.10
C VAL D 58 23.07 10.86 0.20
N PHE D 59 22.30 9.87 -0.23
CA PHE D 59 20.84 9.90 -0.21
C PHE D 59 20.31 11.18 -0.85
N GLY D 60 20.98 11.60 -1.92
CA GLY D 60 20.56 12.75 -2.69
C GLY D 60 21.02 14.09 -2.16
N GLU D 61 21.73 14.12 -1.03
CA GLU D 61 22.13 15.39 -0.42
C GLU D 61 23.65 15.55 -0.43
N ASN D 62 24.09 16.79 -0.42
CA ASN D 62 25.49 17.12 -0.19
C ASN D 62 25.76 17.12 1.31
N LYS D 63 26.64 16.25 1.76
CA LYS D 63 27.01 16.16 3.17
C LYS D 63 28.51 16.37 3.31
N GLN D 64 28.91 16.96 4.43
CA GLN D 64 30.31 17.20 4.73
C GLN D 64 30.71 16.31 5.89
N PHE D 65 31.69 15.44 5.67
CA PHE D 65 32.15 14.50 6.69
C PHE D 65 33.61 14.80 7.04
N ASN D 66 33.88 14.81 8.35
CA ASN D 66 35.24 14.80 8.86
C ASN D 66 35.82 13.41 8.72
N VAL D 67 36.88 13.26 7.93
CA VAL D 67 37.50 11.95 7.72
C VAL D 67 39.00 12.05 7.93
N ARG D 68 39.60 10.90 8.23
CA ARG D 68 41.04 10.77 8.41
C ARG D 68 41.42 9.30 8.31
N ASN D 69 42.64 9.06 7.85
CA ASN D 69 43.16 7.69 7.75
C ASN D 69 44.68 7.76 7.83
N ASP D 70 45.24 7.35 8.96
CA ASP D 70 46.69 7.34 9.14
C ASP D 70 47.29 5.96 8.91
N SER D 71 46.51 5.03 8.36
CA SER D 71 46.94 3.66 8.11
C SER D 71 47.53 3.52 6.71
N ASP D 72 48.25 2.42 6.49
CA ASP D 72 48.68 2.04 5.15
C ASP D 72 47.55 1.46 4.32
N LYS D 73 46.45 1.06 4.96
CA LYS D 73 45.32 0.45 4.27
C LYS D 73 44.21 1.46 4.08
N TRP D 74 43.25 1.09 3.23
CA TRP D 74 42.05 1.89 3.04
C TRP D 74 41.16 1.79 4.27
N LYS D 75 40.36 2.84 4.48
CA LYS D 75 39.36 2.83 5.53
C LYS D 75 37.98 3.02 4.91
N PHE D 76 37.05 2.13 5.22
CA PHE D 76 35.68 2.24 4.76
C PHE D 76 34.83 2.61 5.97
N LEU D 77 34.32 3.83 5.98
CA LEU D 77 33.60 4.39 7.12
C LEU D 77 32.10 4.20 6.89
N GLU D 78 31.43 3.52 7.82
CA GLU D 78 29.98 3.46 7.86
C GLU D 78 29.45 4.73 8.52
N MET D 79 28.77 5.58 7.75
CA MET D 79 28.10 6.76 8.26
C MET D 79 26.62 6.43 8.41
N PHE D 80 26.11 6.56 9.63
CA PHE D 80 24.81 5.99 9.97
C PHE D 80 23.91 7.04 10.58
N ARG D 81 22.62 6.89 10.31
CA ARG D 81 21.58 7.61 11.02
C ARG D 81 20.33 6.75 11.05
N SER D 82 19.55 6.88 12.13
CA SER D 82 18.29 6.16 12.27
C SER D 82 17.08 7.05 12.02
N SER D 83 17.30 8.28 11.56
CA SER D 83 16.21 9.20 11.27
C SER D 83 16.69 10.23 10.27
N SER D 84 15.84 10.56 9.30
CA SER D 84 16.23 11.50 8.24
C SER D 84 16.56 12.89 8.78
N GLN D 85 16.16 13.19 10.02
CA GLN D 85 16.39 14.49 10.64
C GLN D 85 17.63 14.50 11.54
N ASN D 86 18.36 13.40 11.64
CA ASN D 86 19.63 13.37 12.35
C ASN D 86 20.77 13.51 11.36
N GLU D 87 21.86 14.09 11.82
CA GLU D 87 23.07 14.06 11.01
C GLU D 87 23.78 12.71 11.21
N PHE D 88 24.63 12.37 10.24
CA PHE D 88 25.32 11.09 10.28
C PHE D 88 26.45 11.11 11.31
N TYR D 89 26.80 9.91 11.80
CA TYR D 89 28.03 9.72 12.54
C TYR D 89 28.72 8.46 12.05
N ASN D 90 30.04 8.42 12.24
CA ASN D 90 30.84 7.27 11.85
C ASN D 90 30.62 6.17 12.88
N ARG D 91 29.78 5.20 12.53
CA ARG D 91 29.39 4.13 13.45
C ARG D 91 30.40 2.99 13.48
N ARG D 92 30.98 2.63 12.33
CA ARG D 92 31.90 1.52 12.24
C ARG D 92 32.93 1.83 11.17
N THR D 93 34.06 1.14 11.22
CA THR D 93 35.10 1.28 10.22
C THR D 93 35.65 -0.09 9.85
N LEU D 94 35.87 -0.30 8.55
CA LEU D 94 36.55 -1.48 8.04
C LEU D 94 37.88 -1.02 7.46
N THR D 95 38.98 -1.44 8.07
CA THR D 95 40.31 -1.11 7.58
C THR D 95 40.82 -2.28 6.77
N SER D 96 41.15 -2.04 5.50
CA SER D 96 41.28 -3.13 4.54
C SER D 96 42.26 -2.76 3.44
N ASP D 97 43.08 -3.73 3.04
CA ASP D 97 43.85 -3.63 1.81
C ASP D 97 43.30 -4.50 0.70
N THR D 98 42.16 -5.16 0.92
CA THR D 98 41.48 -5.89 -0.15
C THR D 98 40.40 -5.07 -0.83
N LYS D 99 39.95 -3.98 -0.20
CA LYS D 99 38.94 -3.06 -0.74
C LYS D 99 37.59 -3.75 -0.97
N LEU D 100 37.32 -4.85 -0.27
CA LEU D 100 36.04 -5.53 -0.34
C LEU D 100 35.22 -5.23 0.90
N VAL D 101 33.96 -4.83 0.72
CA VAL D 101 33.05 -4.60 1.83
C VAL D 101 31.83 -5.49 1.65
N GLY D 102 31.18 -5.82 2.75
CA GLY D 102 30.08 -6.77 2.73
C GLY D 102 28.86 -6.28 3.49
N ILE D 103 27.68 -6.60 2.95
CA ILE D 103 26.43 -6.29 3.64
C ILE D 103 25.43 -7.42 3.43
N LEU D 104 24.75 -7.80 4.50
CA LEU D 104 23.84 -8.94 4.49
C LEU D 104 22.57 -8.60 5.26
N LYS D 105 21.42 -9.02 4.72
CA LYS D 105 20.15 -8.93 5.41
C LYS D 105 19.79 -10.30 5.95
N TYR D 106 19.72 -10.44 7.28
CA TYR D 106 19.47 -11.77 7.84
C TYR D 106 19.04 -11.66 9.30
N GLY D 107 18.12 -12.53 9.69
CA GLY D 107 17.72 -12.63 11.09
C GLY D 107 17.21 -11.35 11.69
N GLY D 108 16.52 -10.54 10.90
CA GLY D 108 15.99 -9.27 11.39
C GLY D 108 17.01 -8.18 11.54
N ARG D 109 18.24 -8.38 11.06
CA ARG D 109 19.32 -7.43 11.27
C ARG D 109 20.14 -7.26 9.99
N ILE D 110 20.88 -6.16 9.93
CA ILE D 110 21.85 -5.89 8.87
C ILE D 110 23.22 -6.27 9.40
N TRP D 111 23.96 -7.08 8.64
CA TRP D 111 25.30 -7.51 9.04
C TRP D 111 26.33 -6.93 8.09
N THR D 112 27.42 -6.39 8.65
CA THR D 112 28.54 -5.93 7.84
C THR D 112 29.83 -6.42 8.49
N PHE D 113 30.95 -6.09 7.86
CA PHE D 113 32.28 -6.44 8.37
C PHE D 113 32.96 -5.18 8.87
N HIS D 114 33.67 -5.31 10.00
CA HIS D 114 34.46 -4.21 10.55
C HIS D 114 35.72 -4.79 11.18
N GLY D 115 36.55 -3.90 11.71
CA GLY D 115 37.88 -4.29 12.15
C GLY D 115 38.90 -4.09 11.04
N GLU D 116 40.01 -4.79 11.14
CA GLU D 116 41.10 -4.66 10.19
C GLU D 116 41.43 -6.01 9.56
N THR D 117 41.48 -6.05 8.24
CA THR D 117 41.88 -7.26 7.54
C THR D 117 43.31 -7.63 7.94
N PRO D 118 43.64 -8.93 8.02
CA PRO D 118 42.78 -10.08 7.70
C PRO D 118 41.97 -10.59 8.88
N ARG D 119 41.70 -9.72 9.86
CA ARG D 119 41.01 -10.10 11.08
C ARG D 119 39.67 -9.40 11.22
N ALA D 120 39.08 -8.95 10.12
CA ALA D 120 37.77 -8.31 10.18
C ALA D 120 36.68 -9.33 10.50
N THR D 121 35.70 -8.91 11.28
CA THR D 121 34.62 -9.76 11.73
C THR D 121 33.28 -9.13 11.41
N THR D 122 32.22 -9.95 11.51
CA THR D 122 30.87 -9.46 11.26
C THR D 122 30.31 -8.76 12.50
N ASP D 123 29.37 -7.84 12.25
CA ASP D 123 28.68 -7.10 13.29
C ASP D 123 27.28 -6.75 12.77
N SER D 124 26.34 -6.61 13.70
CA SER D 124 24.93 -6.43 13.36
C SER D 124 24.44 -5.03 13.73
N SER D 125 23.46 -4.56 12.96
CA SER D 125 22.71 -3.35 13.24
C SER D 125 21.24 -3.71 13.21
N ASN D 126 20.49 -3.24 14.21
CA ASN D 126 19.09 -3.57 14.34
C ASN D 126 18.23 -2.62 13.50
N THR D 127 17.03 -3.10 13.17
CA THR D 127 16.06 -2.30 12.44
C THR D 127 14.68 -2.84 12.71
N ALA D 128 13.69 -1.96 12.62
CA ALA D 128 12.30 -2.38 12.71
C ALA D 128 11.78 -2.94 11.40
N ASN D 129 12.46 -2.69 10.27
CA ASN D 129 12.01 -3.11 8.95
C ASN D 129 13.23 -3.55 8.13
N LEU D 130 13.54 -4.84 8.21
CA LEU D 130 14.66 -5.38 7.43
C LEU D 130 14.30 -5.50 5.96
N ASN D 131 13.05 -5.91 5.65
CA ASN D 131 12.71 -6.29 4.28
C ASN D 131 12.73 -5.10 3.32
N ASP D 132 12.48 -3.89 3.81
CA ASP D 132 12.42 -2.73 2.94
C ASP D 132 13.77 -2.04 2.78
N ILE D 133 14.84 -2.61 3.32
CA ILE D 133 16.16 -2.02 3.14
C ILE D 133 16.63 -2.32 1.72
N SER D 134 16.90 -1.26 0.97
CA SER D 134 17.42 -1.33 -0.38
C SER D 134 18.80 -0.67 -0.41
N ILE D 135 19.44 -0.73 -1.58
CA ILE D 135 20.83 -0.31 -1.69
C ILE D 135 21.09 0.27 -3.08
N ILE D 136 21.93 1.30 -3.11
CA ILE D 136 22.58 1.79 -4.32
C ILE D 136 24.04 1.42 -4.22
N ILE D 137 24.55 0.67 -5.21
CA ILE D 137 25.92 0.19 -5.22
C ILE D 137 26.64 0.85 -6.39
N HIS D 138 27.79 1.46 -6.09
CA HIS D 138 28.53 2.34 -7.00
C HIS D 138 29.72 1.66 -7.66
N SER D 139 29.90 0.36 -7.49
CA SER D 139 30.96 -0.38 -8.17
C SER D 139 30.52 -1.84 -8.30
N GLU D 140 31.38 -2.65 -8.94
CA GLU D 140 31.05 -4.04 -9.17
C GLU D 140 30.87 -4.79 -7.85
N PHE D 141 30.04 -5.84 -7.88
CA PHE D 141 29.78 -6.61 -6.67
C PHE D 141 29.38 -8.04 -7.02
N TYR D 142 29.38 -8.87 -5.98
CA TYR D 142 29.08 -10.30 -6.06
C TYR D 142 28.00 -10.65 -5.05
N ILE D 143 27.29 -11.74 -5.32
CA ILE D 143 26.25 -12.28 -4.44
C ILE D 143 26.73 -13.62 -3.92
N ILE D 144 26.75 -13.76 -2.60
CA ILE D 144 27.19 -15.02 -1.99
C ILE D 144 26.11 -15.48 -1.02
N PRO D 145 25.63 -16.72 -1.11
CA PRO D 145 24.64 -17.18 -0.13
C PRO D 145 25.23 -17.20 1.27
N ARG D 146 24.37 -16.94 2.27
CA ARG D 146 24.84 -16.99 3.65
C ARG D 146 25.40 -18.37 3.99
N SER D 147 24.87 -19.42 3.36
CA SER D 147 25.43 -20.76 3.53
C SER D 147 26.92 -20.84 3.22
N GLN D 148 27.46 -19.87 2.48
CA GLN D 148 28.87 -19.84 2.13
C GLN D 148 29.56 -18.62 2.76
N GLU D 149 29.04 -18.17 3.90
CA GLU D 149 29.58 -16.97 4.54
C GLU D 149 31.08 -17.11 4.81
N SER D 150 31.53 -18.31 5.15
CA SER D 150 32.96 -18.52 5.36
C SER D 150 33.76 -18.01 4.17
N LYS D 151 33.35 -18.42 2.96
CA LYS D 151 33.99 -17.90 1.75
C LYS D 151 33.97 -16.38 1.72
N CYS D 152 32.80 -15.79 1.97
CA CYS D 152 32.72 -14.33 2.03
C CYS D 152 33.74 -13.77 3.01
N ASN D 153 33.78 -14.35 4.22
CA ASN D 153 34.76 -13.92 5.22
C ASN D 153 36.16 -13.97 4.61
N GLU D 154 36.49 -15.11 4.02
CA GLU D 154 37.80 -15.26 3.37
C GLU D 154 38.06 -14.11 2.41
N TYR D 155 37.12 -13.86 1.49
CA TYR D 155 37.32 -12.80 0.52
C TYR D 155 37.52 -11.47 1.22
N ILE D 156 36.64 -11.15 2.18
CA ILE D 156 36.72 -9.87 2.88
C ILE D 156 38.13 -9.67 3.41
N ASN D 157 38.73 -10.74 3.94
CA ASN D 157 40.00 -10.59 4.63
C ASN D 157 41.20 -10.88 3.74
N ASN D 158 40.98 -11.45 2.56
CA ASN D 158 42.13 -11.87 1.77
C ASN D 158 42.06 -11.50 0.31
N GLY D 159 40.93 -10.98 -0.18
CA GLY D 159 40.76 -10.71 -1.59
C GLY D 159 40.31 -11.95 -2.35
N LEU D 160 40.09 -11.75 -3.64
CA LEU D 160 39.70 -12.85 -4.51
C LEU D 160 40.94 -13.51 -5.08
N ILE E 1 9.32 -7.23 -31.68
CA ILE E 1 8.52 -6.59 -30.64
C ILE E 1 8.78 -7.24 -29.28
N LEU E 2 9.56 -8.34 -29.31
CA LEU E 2 9.88 -9.06 -28.10
C LEU E 2 10.87 -8.27 -27.26
N ASP E 3 10.50 -8.00 -25.99
CA ASP E 3 11.29 -7.13 -25.12
C ASP E 3 12.33 -7.95 -24.39
N GLY E 4 13.59 -7.84 -24.80
CA GLY E 4 14.65 -8.62 -24.25
C GLY E 4 15.62 -9.04 -25.34
N PRO E 5 16.60 -9.90 -24.99
CA PRO E 5 16.76 -10.50 -23.67
C PRO E 5 17.45 -9.61 -22.65
N TYR E 6 17.14 -9.84 -21.39
CA TYR E 6 17.79 -9.17 -20.26
C TYR E 6 18.71 -10.16 -19.58
N GLN E 7 19.72 -9.63 -18.90
CA GLN E 7 20.73 -10.40 -18.22
C GLN E 7 20.23 -10.88 -16.85
N PRO E 8 20.76 -11.98 -16.34
CA PRO E 8 20.37 -12.45 -15.00
C PRO E 8 20.47 -11.33 -13.97
N THR E 9 19.51 -11.30 -13.05
CA THR E 9 19.41 -10.17 -12.14
C THR E 9 18.40 -10.47 -11.05
N THR E 10 18.33 -9.57 -10.08
CA THR E 10 17.38 -9.63 -8.99
C THR E 10 16.50 -8.39 -9.07
N PHE E 11 15.18 -8.57 -9.17
CA PHE E 11 14.31 -7.41 -9.20
C PHE E 11 12.89 -7.79 -8.82
N THR E 12 12.05 -6.78 -8.66
CA THR E 12 10.63 -7.00 -8.40
C THR E 12 9.89 -6.88 -9.72
N PRO E 13 9.41 -7.97 -10.29
CA PRO E 13 8.76 -7.90 -11.60
C PRO E 13 7.50 -7.06 -11.53
N PRO E 14 7.21 -6.29 -12.57
CA PRO E 14 6.01 -5.45 -12.55
C PRO E 14 4.75 -6.29 -12.66
N ILE E 15 3.67 -5.79 -12.03
CA ILE E 15 2.38 -6.46 -12.15
C ILE E 15 1.95 -6.44 -13.61
N ASP E 16 1.34 -7.55 -14.05
CA ASP E 16 0.69 -7.71 -15.35
C ASP E 16 1.68 -7.96 -16.49
N TYR E 17 2.87 -8.45 -16.21
CA TYR E 17 3.83 -8.83 -17.24
C TYR E 17 4.31 -10.26 -17.03
N TRP E 18 4.31 -11.06 -18.09
CA TRP E 18 4.98 -12.35 -18.07
C TRP E 18 6.50 -12.14 -18.11
N ILE E 19 7.20 -12.84 -17.21
CA ILE E 19 8.64 -13.00 -17.27
C ILE E 19 8.90 -14.37 -17.89
N LEU E 20 9.59 -14.37 -19.03
CA LEU E 20 9.84 -15.58 -19.82
C LEU E 20 11.33 -15.86 -19.79
N ILE E 21 11.73 -16.93 -19.10
CA ILE E 21 13.12 -17.22 -18.78
C ILE E 21 13.60 -18.36 -19.66
N ASN E 22 14.74 -18.17 -20.30
CA ASN E 22 15.34 -19.17 -21.19
C ASN E 22 16.42 -19.91 -20.39
N SER E 23 16.05 -21.07 -19.84
CA SER E 23 16.96 -21.85 -19.03
C SER E 23 18.13 -22.36 -19.88
N ASN E 24 19.33 -22.38 -19.29
CA ASN E 24 20.52 -22.77 -20.03
C ASN E 24 21.40 -23.78 -19.29
N THR E 25 20.98 -24.31 -18.15
CA THR E 25 21.72 -25.38 -17.49
C THR E 25 20.79 -26.09 -16.51
N ASN E 26 21.31 -27.14 -15.87
CA ASN E 26 20.53 -27.96 -14.93
C ASN E 26 20.71 -27.51 -13.49
N GLY E 27 20.47 -26.22 -13.25
CA GLY E 27 20.52 -25.70 -11.88
C GLY E 27 19.23 -25.03 -11.49
N VAL E 28 19.31 -24.04 -10.61
CA VAL E 28 18.15 -23.25 -10.24
C VAL E 28 17.89 -22.24 -11.34
N VAL E 29 16.70 -22.31 -11.94
CA VAL E 29 16.31 -21.36 -12.98
C VAL E 29 16.02 -20.00 -12.38
N TYR E 30 15.22 -19.97 -11.31
CA TYR E 30 14.90 -18.72 -10.63
C TYR E 30 14.40 -19.04 -9.23
N GLU E 31 14.46 -18.01 -8.37
CA GLU E 31 13.98 -18.03 -7.00
C GLU E 31 13.02 -16.87 -6.83
N SER E 32 11.82 -17.11 -6.30
CA SER E 32 10.89 -16.01 -6.12
C SER E 32 10.30 -16.07 -4.71
N THR E 33 10.24 -14.92 -4.03
CA THR E 33 9.60 -14.90 -2.71
C THR E 33 9.13 -13.49 -2.37
N ASN E 34 8.16 -13.43 -1.46
CA ASN E 34 7.77 -12.19 -0.81
C ASN E 34 8.15 -12.18 0.66
N ASN E 35 8.80 -13.23 1.14
CA ASN E 35 9.26 -13.40 2.51
C ASN E 35 8.12 -13.43 3.52
N SER E 36 6.87 -13.56 3.07
CA SER E 36 5.75 -13.73 3.99
C SER E 36 5.03 -15.06 3.80
N ASP E 37 4.48 -15.33 2.60
CA ASP E 37 3.69 -16.54 2.42
C ASP E 37 3.97 -17.27 1.11
N PHE E 38 5.05 -16.94 0.41
CA PHE E 38 5.30 -17.50 -0.92
C PHE E 38 6.79 -17.64 -1.14
N TRP E 39 7.25 -18.88 -1.33
CA TRP E 39 8.61 -19.20 -1.75
C TRP E 39 8.51 -20.22 -2.87
N THR E 40 9.04 -19.88 -4.05
CA THR E 40 9.12 -20.84 -5.13
C THR E 40 10.50 -20.79 -5.77
N ALA E 41 11.10 -21.96 -5.96
CA ALA E 41 12.34 -22.10 -6.71
C ALA E 41 12.15 -23.18 -7.75
N VAL E 42 12.45 -22.87 -9.00
CA VAL E 42 12.34 -23.84 -10.08
C VAL E 42 13.73 -24.43 -10.34
N VAL E 43 13.81 -25.75 -10.38
CA VAL E 43 15.07 -26.43 -10.69
C VAL E 43 14.92 -27.15 -12.02
N ALA E 44 15.99 -27.14 -12.80
CA ALA E 44 16.03 -27.72 -14.14
C ALA E 44 16.70 -29.09 -14.09
N ILE E 45 16.00 -30.10 -14.59
CA ILE E 45 16.48 -31.48 -14.63
C ILE E 45 16.60 -31.89 -16.08
N GLU E 46 17.82 -32.24 -16.48
CA GLU E 46 18.09 -32.68 -17.84
C GLU E 46 17.39 -34.01 -18.10
N PRO E 47 17.25 -34.39 -19.38
CA PRO E 47 16.55 -35.65 -19.69
C PRO E 47 17.27 -36.86 -19.10
N HIS E 48 16.49 -37.91 -18.84
CA HIS E 48 17.00 -39.23 -18.45
C HIS E 48 17.88 -39.13 -17.21
N VAL E 49 17.25 -38.73 -16.10
CA VAL E 49 17.89 -38.65 -14.80
C VAL E 49 17.14 -39.60 -13.87
N ASN E 50 17.85 -40.58 -13.32
CA ASN E 50 17.25 -41.49 -12.37
C ASN E 50 17.03 -40.77 -11.04
N PRO E 51 15.97 -41.13 -10.29
CA PRO E 51 15.65 -40.40 -9.04
C PRO E 51 16.83 -40.31 -8.10
N VAL E 52 17.22 -39.09 -7.73
CA VAL E 52 18.49 -38.88 -7.03
C VAL E 52 18.40 -37.58 -6.24
N ASP E 53 19.18 -37.49 -5.17
CA ASP E 53 19.27 -36.29 -4.37
C ASP E 53 20.33 -35.35 -4.95
N ARG E 54 19.96 -34.10 -5.15
CA ARG E 54 20.87 -33.07 -5.62
C ARG E 54 20.80 -31.86 -4.69
N GLN E 55 21.94 -31.20 -4.54
CA GLN E 55 22.05 -30.02 -3.69
C GLN E 55 21.87 -28.75 -4.52
N TYR E 56 21.02 -27.84 -4.04
CA TYR E 56 20.75 -26.57 -4.68
C TYR E 56 20.83 -25.45 -3.64
N THR E 57 21.40 -24.33 -4.03
CA THR E 57 21.37 -23.14 -3.19
C THR E 57 20.08 -22.38 -3.52
N VAL E 58 19.15 -22.34 -2.57
CA VAL E 58 17.90 -21.63 -2.73
C VAL E 58 17.70 -20.72 -1.52
N PHE E 59 17.40 -19.45 -1.79
CA PHE E 59 17.14 -18.45 -0.76
C PHE E 59 18.28 -18.41 0.26
N GLY E 60 19.51 -18.53 -0.23
CA GLY E 60 20.69 -18.44 0.61
C GLY E 60 21.03 -19.68 1.39
N GLU E 61 20.24 -20.76 1.27
CA GLU E 61 20.45 -21.97 2.04
C GLU E 61 20.76 -23.14 1.11
N ASN E 62 21.53 -24.09 1.61
CA ASN E 62 21.76 -25.35 0.91
C ASN E 62 20.58 -26.28 1.18
N LYS E 63 19.96 -26.79 0.12
CA LYS E 63 18.81 -27.67 0.24
C LYS E 63 19.02 -28.89 -0.64
N GLN E 64 18.60 -30.04 -0.15
CA GLN E 64 18.68 -31.28 -0.92
C GLN E 64 17.28 -31.60 -1.44
N PHE E 65 17.16 -31.73 -2.76
CA PHE E 65 15.91 -32.14 -3.39
C PHE E 65 16.11 -33.47 -4.10
N ASN E 66 15.09 -34.33 -4.05
CA ASN E 66 15.10 -35.56 -4.83
C ASN E 66 14.38 -35.29 -6.16
N VAL E 67 15.11 -35.46 -7.25
CA VAL E 67 14.66 -35.09 -8.58
C VAL E 67 14.76 -36.30 -9.50
N ARG E 68 13.94 -36.29 -10.54
CA ARG E 68 13.93 -37.37 -11.53
C ARG E 68 13.44 -36.79 -12.85
N ASN E 69 13.83 -37.45 -13.94
CA ASN E 69 13.31 -37.13 -15.27
C ASN E 69 13.51 -38.36 -16.14
N ASP E 70 12.41 -39.07 -16.44
CA ASP E 70 12.45 -40.28 -17.26
C ASP E 70 12.14 -39.99 -18.72
N SER E 71 12.12 -38.73 -19.12
CA SER E 71 11.68 -38.36 -20.46
C SER E 71 12.84 -37.85 -21.30
N ASP E 72 12.55 -37.64 -22.57
CA ASP E 72 13.50 -37.04 -23.50
C ASP E 72 13.54 -35.52 -23.37
N LYS E 73 12.56 -34.92 -22.73
CA LYS E 73 12.47 -33.48 -22.58
C LYS E 73 13.02 -33.06 -21.23
N TRP E 74 13.35 -31.77 -21.13
CA TRP E 74 13.75 -31.21 -19.84
C TRP E 74 12.55 -31.14 -18.92
N LYS E 75 12.82 -31.20 -17.61
CA LYS E 75 11.77 -31.01 -16.62
C LYS E 75 12.14 -29.86 -15.70
N PHE E 76 11.19 -28.97 -15.48
CA PHE E 76 11.37 -27.83 -14.59
C PHE E 76 10.42 -28.01 -13.42
N LEU E 77 10.99 -28.21 -12.24
CA LEU E 77 10.25 -28.55 -11.04
C LEU E 77 10.07 -27.31 -10.18
N GLU E 78 8.83 -26.99 -9.82
CA GLU E 78 8.53 -25.92 -8.88
C GLU E 78 8.60 -26.49 -7.46
N MET E 79 9.57 -26.03 -6.68
CA MET E 79 9.67 -26.34 -5.26
C MET E 79 9.06 -25.16 -4.50
N PHE E 80 8.06 -25.44 -3.68
CA PHE E 80 7.28 -24.39 -3.06
C PHE E 80 7.25 -24.58 -1.55
N ARG E 81 7.13 -23.46 -0.84
CA ARG E 81 6.78 -23.47 0.57
C ARG E 81 6.07 -22.16 0.89
N SER E 82 5.12 -22.25 1.83
CA SER E 82 4.31 -21.11 2.25
C SER E 82 4.80 -20.49 3.56
N SER E 83 5.91 -20.98 4.10
CA SER E 83 6.45 -20.42 5.32
C SER E 83 7.94 -20.74 5.36
N SER E 84 8.70 -19.80 5.92
CA SER E 84 10.12 -20.06 6.15
C SER E 84 10.36 -21.18 7.15
N GLN E 85 9.33 -21.61 7.88
CA GLN E 85 9.44 -22.71 8.81
C GLN E 85 9.14 -24.07 8.19
N ASN E 86 8.83 -24.10 6.90
CA ASN E 86 8.46 -25.34 6.23
C ASN E 86 9.58 -25.80 5.30
N GLU E 87 9.49 -27.06 4.89
CA GLU E 87 10.34 -27.60 3.84
C GLU E 87 9.64 -27.45 2.49
N PHE E 88 10.44 -27.48 1.43
CA PHE E 88 9.91 -27.39 0.09
C PHE E 88 9.31 -28.72 -0.34
N TYR E 89 8.23 -28.65 -1.12
CA TYR E 89 7.71 -29.81 -1.82
C TYR E 89 7.52 -29.45 -3.29
N ASN E 90 7.53 -30.48 -4.13
CA ASN E 90 7.38 -30.31 -5.58
C ASN E 90 5.91 -30.04 -5.88
N ARG E 91 5.58 -28.78 -6.15
CA ARG E 91 4.18 -28.39 -6.34
C ARG E 91 3.71 -28.63 -7.77
N ARG E 92 4.54 -28.31 -8.77
CA ARG E 92 4.17 -28.46 -10.17
C ARG E 92 5.41 -28.81 -10.98
N THR E 93 5.18 -29.23 -12.23
CA THR E 93 6.24 -29.57 -13.16
C THR E 93 5.89 -29.12 -14.57
N LEU E 94 6.88 -28.58 -15.28
CA LEU E 94 6.75 -28.26 -16.69
C LEU E 94 7.74 -29.11 -17.47
N THR E 95 7.21 -29.93 -18.39
CA THR E 95 8.04 -30.79 -19.23
C THR E 95 8.14 -30.13 -20.60
N SER E 96 9.37 -29.89 -21.06
CA SER E 96 9.57 -28.96 -22.15
C SER E 96 10.85 -29.27 -22.92
N ASP E 97 10.77 -29.18 -24.24
CA ASP E 97 11.95 -29.20 -25.08
C ASP E 97 12.33 -27.81 -25.57
N THR E 98 11.63 -26.78 -25.12
CA THR E 98 11.98 -25.40 -25.43
C THR E 98 12.81 -24.73 -24.34
N LYS E 99 12.74 -25.25 -23.11
CA LYS E 99 13.49 -24.74 -21.96
C LYS E 99 13.12 -23.30 -21.64
N LEU E 100 11.88 -22.91 -21.94
CA LEU E 100 11.35 -21.62 -21.55
C LEU E 100 10.36 -21.82 -20.40
N VAL E 101 10.44 -20.92 -19.42
CA VAL E 101 9.61 -20.99 -18.22
C VAL E 101 8.97 -19.62 -18.04
N GLY E 102 7.74 -19.58 -17.56
CA GLY E 102 7.00 -18.33 -17.43
C GLY E 102 6.51 -18.07 -16.01
N ILE E 103 6.53 -16.80 -15.61
CA ILE E 103 5.94 -16.43 -14.33
C ILE E 103 5.33 -15.03 -14.44
N LEU E 104 4.11 -14.89 -13.93
CA LEU E 104 3.33 -13.65 -14.04
C LEU E 104 2.72 -13.30 -12.69
N LYS E 105 2.78 -12.02 -12.32
CA LYS E 105 2.06 -11.51 -11.16
C LYS E 105 0.80 -10.83 -11.66
N TYR E 106 -0.37 -11.37 -11.29
CA TYR E 106 -1.61 -10.81 -11.79
C TYR E 106 -2.78 -11.23 -10.92
N GLY E 107 -3.74 -10.32 -10.75
CA GLY E 107 -5.00 -10.62 -10.10
C GLY E 107 -4.86 -11.23 -8.72
N GLY E 108 -3.88 -10.75 -7.94
CA GLY E 108 -3.64 -11.28 -6.62
C GLY E 108 -3.01 -12.65 -6.58
N ARG E 109 -2.49 -13.16 -7.70
CA ARG E 109 -1.95 -14.51 -7.76
C ARG E 109 -0.67 -14.53 -8.59
N ILE E 110 0.07 -15.63 -8.43
CA ILE E 110 1.24 -15.94 -9.24
C ILE E 110 0.84 -17.00 -10.25
N TRP E 111 1.03 -16.71 -11.53
CA TRP E 111 0.68 -17.61 -12.62
C TRP E 111 1.95 -18.18 -13.24
N THR E 112 1.97 -19.49 -13.45
CA THR E 112 3.08 -20.14 -14.15
C THR E 112 2.53 -21.08 -15.21
N PHE E 113 3.43 -21.66 -16.00
CA PHE E 113 3.07 -22.68 -16.98
C PHE E 113 3.46 -24.05 -16.45
N HIS E 114 2.60 -25.03 -16.70
CA HIS E 114 2.86 -26.41 -16.30
C HIS E 114 2.30 -27.35 -17.36
N GLY E 115 2.58 -28.64 -17.19
CA GLY E 115 2.18 -29.64 -18.16
C GLY E 115 3.32 -29.98 -19.09
N GLU E 116 3.02 -30.37 -20.33
CA GLU E 116 4.05 -30.79 -21.28
C GLU E 116 3.86 -30.09 -22.61
N THR E 117 4.93 -29.45 -23.10
CA THR E 117 4.90 -28.82 -24.40
C THR E 117 4.60 -29.87 -25.47
N PRO E 118 3.92 -29.48 -26.56
CA PRO E 118 3.46 -28.13 -26.85
C PRO E 118 2.08 -27.80 -26.28
N ARG E 119 1.68 -28.50 -25.21
CA ARG E 119 0.35 -28.32 -24.63
C ARG E 119 0.42 -27.85 -23.18
N ALA E 120 1.44 -27.03 -22.86
CA ALA E 120 1.54 -26.47 -21.52
C ALA E 120 0.46 -25.40 -21.32
N THR E 121 -0.08 -25.34 -20.10
CA THR E 121 -1.14 -24.39 -19.76
C THR E 121 -0.77 -23.66 -18.48
N THR E 122 -1.47 -22.56 -18.20
CA THR E 122 -1.18 -21.78 -17.01
C THR E 122 -1.95 -22.30 -15.80
N ASP E 123 -1.41 -21.98 -14.63
CA ASP E 123 -2.06 -22.27 -13.35
C ASP E 123 -1.64 -21.18 -12.37
N SER E 124 -2.42 -21.05 -11.29
CA SER E 124 -2.25 -19.96 -10.35
C SER E 124 -1.95 -20.49 -8.95
N SER E 125 -1.24 -19.66 -8.17
CA SER E 125 -0.97 -19.88 -6.76
C SER E 125 -1.35 -18.62 -6.02
N ASN E 126 -2.06 -18.78 -4.90
CA ASN E 126 -2.53 -17.63 -4.15
C ASN E 126 -1.42 -17.02 -3.32
N THR E 127 -1.54 -15.72 -3.07
CA THR E 127 -0.71 -15.03 -2.10
C THR E 127 -1.52 -13.90 -1.49
N ALA E 128 -1.21 -13.57 -0.24
CA ALA E 128 -1.76 -12.37 0.38
C ALA E 128 -0.91 -11.14 0.13
N ASN E 129 0.28 -11.30 -0.46
CA ASN E 129 1.19 -10.18 -0.69
C ASN E 129 1.84 -10.35 -2.05
N LEU E 130 1.15 -9.87 -3.09
CA LEU E 130 1.69 -10.02 -4.44
C LEU E 130 2.72 -8.94 -4.75
N ASN E 131 2.52 -7.72 -4.24
CA ASN E 131 3.38 -6.61 -4.61
C ASN E 131 4.83 -6.83 -4.19
N ASP E 132 5.05 -7.52 -3.07
CA ASP E 132 6.40 -7.76 -2.57
C ASP E 132 7.08 -8.98 -3.19
N ILE E 133 6.44 -9.66 -4.13
CA ILE E 133 7.03 -10.83 -4.76
C ILE E 133 8.22 -10.36 -5.60
N SER E 134 9.41 -10.78 -5.21
CA SER E 134 10.66 -10.47 -5.91
C SER E 134 11.24 -11.75 -6.50
N ILE E 135 12.17 -11.60 -7.44
CA ILE E 135 12.72 -12.74 -8.17
C ILE E 135 14.22 -12.56 -8.39
N ILE E 136 14.95 -13.67 -8.26
CA ILE E 136 16.32 -13.80 -8.73
C ILE E 136 16.27 -14.71 -9.95
N ILE E 137 16.73 -14.20 -11.09
CA ILE E 137 16.72 -14.93 -12.35
C ILE E 137 18.17 -15.21 -12.76
N HIS E 138 18.45 -16.48 -13.05
CA HIS E 138 19.80 -16.96 -13.30
C HIS E 138 20.13 -17.15 -14.78
N SER E 139 19.19 -16.82 -15.68
CA SER E 139 19.39 -16.94 -17.11
C SER E 139 18.86 -15.69 -17.80
N GLU E 140 19.09 -15.59 -19.10
CA GLU E 140 18.48 -14.53 -19.90
C GLU E 140 16.96 -14.68 -19.88
N PHE E 141 16.27 -13.55 -19.98
CA PHE E 141 14.81 -13.55 -19.92
C PHE E 141 14.23 -12.39 -20.71
N TYR E 142 12.92 -12.47 -20.96
CA TYR E 142 12.14 -11.50 -21.71
C TYR E 142 10.92 -11.09 -20.89
N ILE E 143 10.33 -9.95 -21.27
CA ILE E 143 9.15 -9.39 -20.62
C ILE E 143 8.06 -9.24 -21.67
N ILE E 144 6.92 -9.88 -21.43
CA ILE E 144 5.81 -9.88 -22.38
C ILE E 144 4.57 -9.36 -21.66
N PRO E 145 3.88 -8.36 -22.18
CA PRO E 145 2.66 -7.89 -21.52
C PRO E 145 1.59 -8.98 -21.51
N ARG E 146 0.79 -9.00 -20.43
CA ARG E 146 -0.30 -9.97 -20.36
C ARG E 146 -1.23 -9.86 -21.55
N SER E 147 -1.38 -8.66 -22.11
CA SER E 147 -2.16 -8.47 -23.33
C SER E 147 -1.64 -9.32 -24.48
N GLN E 148 -0.38 -9.75 -24.44
CA GLN E 148 0.19 -10.61 -25.46
C GLN E 148 0.47 -12.01 -24.91
N GLU E 149 -0.33 -12.44 -23.93
CA GLU E 149 -0.09 -13.75 -23.31
C GLU E 149 -0.12 -14.87 -24.34
N SER E 150 -1.02 -14.76 -25.34
CA SER E 150 -1.06 -15.79 -26.37
C SER E 150 0.32 -16.00 -26.98
N LYS E 151 1.01 -14.91 -27.32
CA LYS E 151 2.38 -15.01 -27.83
C LYS E 151 3.27 -15.73 -26.83
N CYS E 152 3.21 -15.32 -25.56
CA CYS E 152 3.98 -15.99 -24.53
C CYS E 152 3.67 -17.49 -24.51
N ASN E 153 2.37 -17.84 -24.57
CA ASN E 153 2.00 -19.25 -24.65
C ASN E 153 2.68 -19.91 -25.83
N GLU E 154 2.59 -19.27 -27.00
CA GLU E 154 3.28 -19.77 -28.19
C GLU E 154 4.74 -20.06 -27.88
N TYR E 155 5.44 -19.08 -27.31
CA TYR E 155 6.87 -19.27 -27.06
C TYR E 155 7.07 -20.42 -26.10
N ILE E 156 6.30 -20.44 -25.01
CA ILE E 156 6.46 -21.50 -24.01
C ILE E 156 6.41 -22.85 -24.69
N ASN E 157 5.50 -22.99 -25.64
CA ASN E 157 5.23 -24.31 -26.19
C ASN E 157 5.99 -24.59 -27.46
N ASN E 158 6.62 -23.57 -28.05
CA ASN E 158 7.25 -23.81 -29.35
C ASN E 158 8.63 -23.20 -29.49
N GLY E 159 9.09 -22.40 -28.53
CA GLY E 159 10.36 -21.71 -28.65
C GLY E 159 10.21 -20.38 -29.37
N LEU E 160 11.32 -19.64 -29.39
CA LEU E 160 11.38 -18.40 -30.13
C LEU E 160 11.75 -18.71 -31.58
N ILE F 1 -17.07 -12.77 26.16
CA ILE F 1 -15.89 -12.56 25.35
C ILE F 1 -16.28 -12.15 23.93
N LEU F 2 -17.57 -12.27 23.62
CA LEU F 2 -18.08 -11.95 22.28
C LEU F 2 -18.15 -10.44 22.10
N ASP F 3 -17.52 -9.95 21.03
CA ASP F 3 -17.43 -8.51 20.77
C ASP F 3 -18.64 -8.07 19.95
N GLY F 4 -19.56 -7.37 20.59
CA GLY F 4 -20.79 -6.95 19.96
C GLY F 4 -21.95 -7.04 20.92
N PRO F 5 -23.17 -6.78 20.42
CA PRO F 5 -23.46 -6.44 19.02
C PRO F 5 -23.19 -4.97 18.66
N TYR F 6 -22.92 -4.74 17.39
CA TYR F 6 -22.72 -3.42 16.83
C TYR F 6 -23.90 -3.08 15.94
N GLN F 7 -24.18 -1.78 15.78
CA GLN F 7 -25.29 -1.30 14.99
C GLN F 7 -24.95 -1.30 13.50
N PRO F 8 -25.96 -1.41 12.63
CA PRO F 8 -25.72 -1.32 11.18
C PRO F 8 -24.86 -0.12 10.82
N THR F 9 -23.94 -0.32 9.88
CA THR F 9 -22.97 0.72 9.58
C THR F 9 -22.23 0.36 8.30
N THR F 10 -21.38 1.29 7.85
CA THR F 10 -20.51 1.11 6.70
C THR F 10 -19.08 1.30 7.17
N PHE F 11 -18.23 0.30 6.95
CA PHE F 11 -16.84 0.46 7.36
C PHE F 11 -15.95 -0.53 6.61
N THR F 12 -14.64 -0.35 6.77
CA THR F 12 -13.68 -1.28 6.21
C THR F 12 -13.31 -2.30 7.28
N PRO F 13 -13.81 -3.54 7.17
CA PRO F 13 -13.52 -4.54 8.21
C PRO F 13 -12.04 -4.79 8.31
N PRO F 14 -11.51 -4.94 9.52
CA PRO F 14 -10.09 -5.23 9.66
C PRO F 14 -9.75 -6.63 9.16
N ILE F 15 -8.55 -6.77 8.62
CA ILE F 15 -8.04 -8.07 8.21
C ILE F 15 -7.95 -8.98 9.43
N ASP F 16 -8.26 -10.26 9.23
CA ASP F 16 -8.10 -11.35 10.20
C ASP F 16 -9.20 -11.35 11.26
N TYR F 17 -10.37 -10.77 10.98
CA TYR F 17 -11.51 -10.82 11.88
C TYR F 17 -12.75 -11.28 11.13
N TRP F 18 -13.46 -12.26 11.69
CA TRP F 18 -14.78 -12.61 11.22
C TRP F 18 -15.78 -11.52 11.61
N ILE F 19 -16.56 -11.07 10.63
CA ILE F 19 -17.76 -10.27 10.86
C ILE F 19 -18.93 -11.25 10.83
N LEU F 20 -19.66 -11.33 11.94
CA LEU F 20 -20.78 -12.26 12.11
C LEU F 20 -22.07 -11.45 12.22
N ILE F 21 -22.91 -11.53 11.19
CA ILE F 21 -24.07 -10.67 11.04
C ILE F 21 -25.33 -11.47 11.37
N ASN F 22 -26.20 -10.88 12.20
CA ASN F 22 -27.44 -11.51 12.64
C ASN F 22 -28.57 -10.92 11.80
N SER F 23 -28.95 -11.63 10.73
CA SER F 23 -29.98 -11.13 9.83
C SER F 23 -31.32 -11.09 10.52
N ASN F 24 -32.10 -10.02 10.26
CA ASN F 24 -33.40 -9.88 10.91
C ASN F 24 -34.58 -9.70 9.96
N THR F 25 -34.36 -9.72 8.65
CA THR F 25 -35.47 -9.62 7.71
C THR F 25 -35.05 -10.23 6.38
N ASN F 26 -35.99 -10.27 5.43
CA ASN F 26 -35.73 -10.87 4.12
C ASN F 26 -35.33 -9.81 3.10
N GLY F 27 -34.28 -9.08 3.43
CA GLY F 27 -33.73 -8.07 2.54
C GLY F 27 -32.27 -8.28 2.25
N VAL F 28 -31.54 -7.21 1.97
CA VAL F 28 -30.09 -7.28 1.80
C VAL F 28 -29.45 -7.32 3.17
N VAL F 29 -28.67 -8.37 3.43
CA VAL F 29 -27.99 -8.51 4.71
C VAL F 29 -26.75 -7.63 4.77
N TYR F 30 -25.95 -7.63 3.71
CA TYR F 30 -24.79 -6.77 3.60
C TYR F 30 -24.40 -6.63 2.14
N GLU F 31 -23.64 -5.57 1.86
CA GLU F 31 -23.06 -5.31 0.55
C GLU F 31 -21.57 -5.07 0.74
N SER F 32 -20.73 -5.73 -0.05
CA SER F 32 -19.29 -5.62 0.14
C SER F 32 -18.61 -5.44 -1.19
N THR F 33 -17.66 -4.49 -1.25
CA THR F 33 -16.94 -4.28 -2.50
C THR F 33 -15.65 -3.52 -2.26
N ASN F 34 -14.71 -3.69 -3.19
CA ASN F 34 -13.51 -2.86 -3.26
C ASN F 34 -13.53 -1.94 -4.46
N ASN F 35 -14.61 -1.93 -5.22
CA ASN F 35 -14.80 -1.13 -6.43
C ASN F 35 -13.83 -1.50 -7.54
N SER F 36 -13.07 -2.58 -7.41
CA SER F 36 -12.18 -3.00 -8.49
C SER F 36 -12.53 -4.35 -9.07
N ASP F 37 -12.56 -5.42 -8.26
CA ASP F 37 -12.78 -6.75 -8.81
C ASP F 37 -13.68 -7.63 -7.95
N PHE F 38 -14.37 -7.07 -6.97
CA PHE F 38 -15.14 -7.87 -6.03
C PHE F 38 -16.39 -7.11 -5.64
N TRP F 39 -17.55 -7.69 -5.94
CA TRP F 39 -18.85 -7.22 -5.47
C TRP F 39 -19.63 -8.42 -4.99
N THR F 40 -20.09 -8.37 -3.74
CA THR F 40 -20.98 -9.40 -3.21
C THR F 40 -22.09 -8.73 -2.40
N ALA F 41 -23.31 -9.17 -2.66
CA ALA F 41 -24.46 -8.78 -1.84
C ALA F 41 -25.15 -10.06 -1.42
N VAL F 42 -25.38 -10.22 -0.12
CA VAL F 42 -26.13 -11.38 0.38
C VAL F 42 -27.58 -10.96 0.57
N VAL F 43 -28.51 -11.74 0.02
CA VAL F 43 -29.94 -11.49 0.20
C VAL F 43 -30.54 -12.64 0.98
N ALA F 44 -31.48 -12.33 1.87
CA ALA F 44 -32.09 -13.31 2.76
C ALA F 44 -33.45 -13.71 2.22
N ILE F 45 -33.66 -15.01 2.04
CA ILE F 45 -34.92 -15.56 1.54
C ILE F 45 -35.54 -16.38 2.66
N GLU F 46 -36.74 -15.97 3.08
CA GLU F 46 -37.48 -16.69 4.09
C GLU F 46 -37.88 -18.06 3.56
N PRO F 47 -38.26 -18.99 4.44
CA PRO F 47 -38.62 -20.35 3.97
C PRO F 47 -39.81 -20.34 3.02
N HIS F 48 -39.86 -21.38 2.19
CA HIS F 48 -41.01 -21.66 1.32
C HIS F 48 -41.34 -20.48 0.40
N VAL F 49 -40.37 -20.15 -0.47
CA VAL F 49 -40.54 -19.14 -1.49
C VAL F 49 -40.40 -19.82 -2.84
N ASN F 50 -41.46 -19.77 -3.65
CA ASN F 50 -41.41 -20.32 -4.99
C ASN F 50 -40.49 -19.47 -5.86
N PRO F 51 -39.82 -20.07 -6.86
CA PRO F 51 -38.92 -19.31 -7.74
C PRO F 51 -39.57 -18.05 -8.30
N VAL F 52 -38.95 -16.90 -8.08
CA VAL F 52 -39.56 -15.61 -8.39
C VAL F 52 -38.45 -14.58 -8.46
N ASP F 53 -38.70 -13.53 -9.23
CA ASP F 53 -37.80 -12.39 -9.29
C ASP F 53 -38.16 -11.42 -8.18
N ARG F 54 -37.16 -10.99 -7.41
CA ARG F 54 -37.37 -9.99 -6.39
C ARG F 54 -36.41 -8.82 -6.62
N GLN F 55 -36.89 -7.63 -6.30
CA GLN F 55 -36.10 -6.41 -6.47
C GLN F 55 -35.34 -6.09 -5.19
N TYR F 56 -34.05 -5.80 -5.33
CA TYR F 56 -33.21 -5.38 -4.23
C TYR F 56 -32.37 -4.18 -4.64
N THR F 57 -32.07 -3.32 -3.67
CA THR F 57 -31.16 -2.20 -3.90
C THR F 57 -29.77 -2.64 -3.44
N VAL F 58 -28.86 -2.77 -4.40
CA VAL F 58 -27.49 -3.18 -4.10
C VAL F 58 -26.53 -2.22 -4.79
N PHE F 59 -25.55 -1.72 -4.03
CA PHE F 59 -24.54 -0.80 -4.53
C PHE F 59 -25.19 0.39 -5.23
N GLY F 60 -26.29 0.86 -4.66
CA GLY F 60 -26.98 2.04 -5.16
C GLY F 60 -27.88 1.81 -6.35
N GLU F 61 -28.07 0.57 -6.80
CA GLU F 61 -28.85 0.31 -8.00
C GLU F 61 -29.97 -0.68 -7.73
N ASN F 62 -31.02 -0.59 -8.54
CA ASN F 62 -32.12 -1.54 -8.53
C ASN F 62 -31.74 -2.77 -9.33
N LYS F 63 -31.78 -3.94 -8.70
CA LYS F 63 -31.46 -5.19 -9.38
C LYS F 63 -32.58 -6.19 -9.12
N GLN F 64 -32.82 -7.06 -10.08
CA GLN F 64 -33.79 -8.14 -9.94
C GLN F 64 -33.04 -9.45 -9.87
N PHE F 65 -33.23 -10.19 -8.78
CA PHE F 65 -32.56 -11.46 -8.56
C PHE F 65 -33.60 -12.58 -8.63
N ASN F 66 -33.26 -13.64 -9.34
CA ASN F 66 -34.04 -14.88 -9.36
C ASN F 66 -33.76 -15.64 -8.07
N VAL F 67 -34.82 -15.86 -7.29
CA VAL F 67 -34.73 -16.22 -5.89
C VAL F 67 -35.71 -17.35 -5.59
N ARG F 68 -35.33 -18.27 -4.70
CA ARG F 68 -36.20 -19.36 -4.31
C ARG F 68 -35.72 -19.97 -2.99
N ASN F 69 -36.67 -20.61 -2.27
CA ASN F 69 -36.32 -21.33 -1.04
C ASN F 69 -37.38 -22.39 -0.82
N ASP F 70 -37.06 -23.65 -1.13
CA ASP F 70 -38.01 -24.73 -0.98
C ASP F 70 -37.91 -25.45 0.36
N SER F 71 -37.21 -24.87 1.33
CA SER F 71 -36.90 -25.54 2.58
C SER F 71 -37.58 -24.86 3.75
N ASP F 72 -37.46 -25.51 4.92
CA ASP F 72 -37.96 -24.96 6.18
C ASP F 72 -37.01 -23.94 6.80
N LYS F 73 -35.79 -23.83 6.28
CA LYS F 73 -34.79 -22.93 6.80
C LYS F 73 -34.68 -21.69 5.92
N TRP F 74 -34.03 -20.66 6.46
CA TRP F 74 -33.72 -19.48 5.67
C TRP F 74 -32.61 -19.79 4.69
N LYS F 75 -32.56 -19.05 3.58
CA LYS F 75 -31.46 -19.17 2.64
C LYS F 75 -30.83 -17.80 2.41
N PHE F 76 -29.51 -17.74 2.51
CA PHE F 76 -28.77 -16.50 2.32
C PHE F 76 -27.94 -16.67 1.05
N LEU F 77 -28.31 -15.90 0.03
CA LEU F 77 -27.77 -16.03 -1.31
C LEU F 77 -26.66 -15.01 -1.50
N GLU F 78 -25.44 -15.48 -1.76
CA GLU F 78 -24.36 -14.61 -2.17
C GLU F 78 -24.53 -14.31 -3.66
N MET F 79 -24.78 -13.05 -3.99
CA MET F 79 -24.84 -12.57 -5.37
C MET F 79 -23.52 -11.87 -5.67
N PHE F 80 -22.80 -12.35 -6.67
CA PHE F 80 -21.42 -11.93 -6.89
C PHE F 80 -21.23 -11.41 -8.31
N ARG F 81 -20.36 -10.41 -8.44
CA ARG F 81 -19.83 -10.02 -9.75
C ARG F 81 -18.40 -9.55 -9.57
N SER F 82 -17.57 -9.81 -10.57
CA SER F 82 -16.15 -9.46 -10.55
C SER F 82 -15.86 -8.16 -11.29
N SER F 83 -16.88 -7.53 -11.87
CA SER F 83 -16.70 -6.26 -12.56
C SER F 83 -18.02 -5.53 -12.56
N SER F 84 -17.95 -4.20 -12.48
CA SER F 84 -19.17 -3.40 -12.50
C SER F 84 -19.95 -3.55 -13.80
N GLN F 85 -19.31 -4.02 -14.86
CA GLN F 85 -19.95 -4.22 -16.14
C GLN F 85 -20.62 -5.60 -16.27
N ASN F 86 -20.62 -6.40 -15.21
CA ASN F 86 -21.21 -7.72 -15.23
C ASN F 86 -22.47 -7.76 -14.38
N GLU F 87 -23.32 -8.75 -14.64
CA GLU F 87 -24.49 -8.97 -13.82
C GLU F 87 -24.17 -9.95 -12.70
N PHE F 88 -24.96 -9.87 -11.63
CA PHE F 88 -24.74 -10.74 -10.49
C PHE F 88 -25.24 -12.14 -10.78
N TYR F 89 -24.59 -13.13 -10.17
CA TYR F 89 -25.07 -14.50 -10.15
C TYR F 89 -24.96 -15.06 -8.75
N ASN F 90 -25.80 -16.05 -8.45
CA ASN F 90 -25.80 -16.70 -7.15
C ASN F 90 -24.59 -17.61 -7.06
N ARG F 91 -23.53 -17.12 -6.43
CA ARG F 91 -22.27 -17.85 -6.35
C ARG F 91 -22.30 -18.92 -5.27
N ARG F 92 -22.94 -18.63 -4.13
CA ARG F 92 -22.99 -19.54 -2.99
C ARG F 92 -24.29 -19.34 -2.26
N THR F 93 -24.67 -20.34 -1.47
CA THR F 93 -25.84 -20.24 -0.61
C THR F 93 -25.52 -20.81 0.77
N LEU F 94 -26.01 -20.12 1.80
CA LEU F 94 -25.98 -20.63 3.17
C LEU F 94 -27.41 -20.90 3.62
N THR F 95 -27.74 -22.16 3.87
CA THR F 95 -29.05 -22.56 4.36
C THR F 95 -28.99 -22.69 5.88
N SER F 96 -29.79 -21.91 6.58
CA SER F 96 -29.56 -21.70 8.00
C SER F 96 -30.87 -21.44 8.73
N ASP F 97 -30.98 -22.01 9.94
CA ASP F 97 -32.03 -21.60 10.87
C ASP F 97 -31.48 -20.79 12.03
N THR F 98 -30.19 -20.43 12.01
CA THR F 98 -29.65 -19.49 12.98
C THR F 98 -29.68 -18.05 12.50
N LYS F 99 -29.74 -17.85 11.17
CA LYS F 99 -29.81 -16.53 10.55
C LYS F 99 -28.55 -15.71 10.78
N LEU F 100 -27.41 -16.38 10.92
CA LEU F 100 -26.12 -15.72 11.09
C LEU F 100 -25.28 -15.97 9.84
N VAL F 101 -24.66 -14.92 9.31
CA VAL F 101 -23.76 -15.05 8.16
C VAL F 101 -22.41 -14.48 8.54
N GLY F 102 -21.36 -15.02 7.92
CA GLY F 102 -19.99 -14.66 8.30
C GLY F 102 -19.18 -14.23 7.10
N ILE F 103 -18.32 -13.24 7.31
CA ILE F 103 -17.41 -12.78 6.27
C ILE F 103 -16.07 -12.41 6.90
N LEU F 104 -14.97 -12.85 6.28
CA LEU F 104 -13.63 -12.67 6.81
C LEU F 104 -12.70 -12.25 5.69
N LYS F 105 -11.88 -11.23 5.94
CA LYS F 105 -10.80 -10.87 5.04
C LYS F 105 -9.53 -11.52 5.57
N TYR F 106 -8.94 -12.45 4.79
CA TYR F 106 -7.74 -13.12 5.26
C TYR F 106 -6.98 -13.73 4.10
N GLY F 107 -5.65 -13.65 4.17
CA GLY F 107 -4.80 -14.39 3.23
C GLY F 107 -5.07 -14.07 1.78
N GLY F 108 -5.30 -12.80 1.47
CA GLY F 108 -5.57 -12.37 0.11
C GLY F 108 -6.92 -12.77 -0.43
N ARG F 109 -7.83 -13.28 0.42
CA ARG F 109 -9.12 -13.78 -0.03
C ARG F 109 -10.22 -13.34 0.91
N ILE F 110 -11.45 -13.45 0.42
CA ILE F 110 -12.65 -13.28 1.23
C ILE F 110 -13.20 -14.66 1.56
N TRP F 111 -13.41 -14.93 2.83
CA TRP F 111 -13.96 -16.20 3.29
C TRP F 111 -15.38 -16.00 3.80
N THR F 112 -16.28 -16.91 3.42
CA THR F 112 -17.64 -16.89 3.95
C THR F 112 -18.04 -18.32 4.30
N PHE F 113 -19.16 -18.44 5.01
CA PHE F 113 -19.76 -19.75 5.29
C PHE F 113 -20.83 -20.06 4.26
N HIS F 114 -20.88 -21.32 3.81
CA HIS F 114 -21.95 -21.80 2.96
C HIS F 114 -22.27 -23.23 3.34
N GLY F 115 -23.24 -23.81 2.65
CA GLY F 115 -23.74 -25.12 3.02
C GLY F 115 -25.02 -25.04 3.82
N GLU F 116 -25.22 -25.96 4.77
CA GLU F 116 -26.46 -25.98 5.54
C GLU F 116 -26.13 -26.24 7.01
N THR F 117 -26.68 -25.42 7.90
CA THR F 117 -26.49 -25.63 9.32
C THR F 117 -27.11 -26.97 9.72
N PRO F 118 -26.52 -27.66 10.71
CA PRO F 118 -25.37 -27.24 11.52
C PRO F 118 -24.00 -27.68 10.99
N ARG F 119 -23.89 -27.90 9.68
CA ARG F 119 -22.61 -28.33 9.09
C ARG F 119 -22.14 -27.38 8.00
N ALA F 120 -22.41 -26.08 8.17
CA ALA F 120 -21.88 -25.08 7.24
C ALA F 120 -20.36 -25.02 7.35
N THR F 121 -19.72 -24.76 6.22
CA THR F 121 -18.26 -24.71 6.14
C THR F 121 -17.83 -23.44 5.41
N THR F 122 -16.56 -23.08 5.59
CA THR F 122 -16.01 -21.89 4.97
C THR F 122 -15.51 -22.17 3.56
N ASP F 123 -15.57 -21.14 2.73
CA ASP F 123 -15.06 -21.16 1.36
C ASP F 123 -14.47 -19.79 1.05
N SER F 124 -13.58 -19.75 0.07
CA SER F 124 -12.84 -18.55 -0.24
C SER F 124 -13.14 -18.05 -1.65
N SER F 125 -12.95 -16.75 -1.83
CA SER F 125 -13.07 -16.06 -3.10
C SER F 125 -11.85 -15.18 -3.26
N ASN F 126 -11.22 -15.23 -4.43
CA ASN F 126 -10.01 -14.47 -4.67
C ASN F 126 -10.32 -12.99 -4.91
N THR F 127 -9.35 -12.15 -4.55
CA THR F 127 -9.35 -10.76 -4.96
C THR F 127 -7.90 -10.31 -5.14
N ALA F 128 -7.72 -9.30 -5.99
CA ALA F 128 -6.43 -8.65 -6.11
C ALA F 128 -6.28 -7.48 -5.15
N ASN F 129 -7.37 -7.03 -4.52
CA ASN F 129 -7.32 -5.86 -3.66
C ASN F 129 -8.17 -6.12 -2.44
N LEU F 130 -7.57 -6.79 -1.44
CA LEU F 130 -8.32 -7.15 -0.24
C LEU F 130 -8.42 -5.99 0.74
N ASN F 131 -7.41 -5.12 0.78
CA ASN F 131 -7.38 -4.04 1.77
C ASN F 131 -8.51 -3.05 1.56
N ASP F 132 -8.97 -2.85 0.32
CA ASP F 132 -9.99 -1.86 0.02
C ASP F 132 -11.41 -2.40 0.12
N ILE F 133 -11.59 -3.67 0.48
CA ILE F 133 -12.93 -4.22 0.56
C ILE F 133 -13.62 -3.62 1.78
N SER F 134 -14.70 -2.88 1.53
CA SER F 134 -15.53 -2.31 2.58
C SER F 134 -16.90 -2.97 2.55
N ILE F 135 -17.68 -2.71 3.60
CA ILE F 135 -18.96 -3.40 3.78
C ILE F 135 -19.99 -2.43 4.34
N ILE F 136 -21.21 -2.53 3.80
CA ILE F 136 -22.41 -1.94 4.39
C ILE F 136 -23.20 -3.08 5.03
N ILE F 137 -23.39 -3.00 6.34
CA ILE F 137 -24.09 -4.01 7.12
C ILE F 137 -25.42 -3.45 7.58
N HIS F 138 -26.49 -4.19 7.31
CA HIS F 138 -27.86 -3.74 7.51
C HIS F 138 -28.51 -4.30 8.77
N SER F 139 -27.75 -5.00 9.61
N SER F 139 -27.75 -4.98 9.63
CA SER F 139 -28.26 -5.59 10.85
CA SER F 139 -28.29 -5.47 10.89
C SER F 139 -27.17 -5.51 11.92
C SER F 139 -27.16 -5.61 11.89
N GLU F 140 -27.52 -5.94 13.13
CA GLU F 140 -26.53 -6.04 14.19
C GLU F 140 -25.49 -7.10 13.84
N PHE F 141 -24.28 -6.90 14.32
CA PHE F 141 -23.20 -7.84 14.00
C PHE F 141 -22.18 -7.86 15.12
N TYR F 142 -21.34 -8.89 15.07
CA TYR F 142 -20.27 -9.14 16.02
C TYR F 142 -18.96 -9.24 15.26
N ILE F 143 -17.86 -9.08 15.99
CA ILE F 143 -16.51 -9.22 15.45
C ILE F 143 -15.79 -10.27 16.27
N ILE F 144 -15.20 -11.25 15.59
CA ILE F 144 -14.60 -12.41 16.24
C ILE F 144 -13.21 -12.60 15.64
N PRO F 145 -12.15 -12.61 16.43
CA PRO F 145 -10.81 -12.80 15.85
C PRO F 145 -10.71 -14.16 15.18
N ARG F 146 -9.88 -14.23 14.13
CA ARG F 146 -9.73 -15.52 13.44
C ARG F 146 -9.18 -16.59 14.36
N SER F 147 -8.41 -16.19 15.38
CA SER F 147 -7.93 -17.13 16.39
C SER F 147 -9.07 -17.86 17.08
N GLN F 148 -10.28 -17.29 17.08
CA GLN F 148 -11.45 -17.95 17.65
C GLN F 148 -12.44 -18.39 16.58
N GLU F 149 -11.93 -18.74 15.39
CA GLU F 149 -12.81 -19.13 14.29
C GLU F 149 -13.72 -20.29 14.68
N SER F 150 -13.20 -21.24 15.47
CA SER F 150 -14.02 -22.36 15.92
C SER F 150 -15.30 -21.86 16.60
N LYS F 151 -15.18 -20.89 17.50
CA LYS F 151 -16.36 -20.32 18.13
C LYS F 151 -17.30 -19.71 17.09
N CYS F 152 -16.74 -18.93 16.15
CA CYS F 152 -17.56 -18.41 15.06
C CYS F 152 -18.27 -19.54 14.34
N ASN F 153 -17.54 -20.61 14.03
CA ASN F 153 -18.16 -21.76 13.38
C ASN F 153 -19.35 -22.24 14.20
N GLU F 154 -19.12 -22.42 15.51
CA GLU F 154 -20.19 -22.87 16.38
C GLU F 154 -21.39 -21.93 16.29
N TYR F 155 -21.15 -20.61 16.40
CA TYR F 155 -22.25 -19.67 16.31
C TYR F 155 -22.98 -19.85 14.99
N ILE F 156 -22.23 -19.87 13.88
CA ILE F 156 -22.84 -19.98 12.56
C ILE F 156 -23.79 -21.16 12.52
N ASN F 157 -23.37 -22.27 13.12
CA ASN F 157 -24.13 -23.49 12.94
C ASN F 157 -25.14 -23.74 14.04
N ASN F 158 -25.03 -23.04 15.17
CA ASN F 158 -25.90 -23.35 16.30
C ASN F 158 -26.52 -22.13 16.96
N GLY F 159 -26.13 -20.92 16.56
CA GLY F 159 -26.66 -19.71 17.15
C GLY F 159 -25.85 -19.26 18.35
N LEU F 160 -26.20 -18.07 18.83
CA LEU F 160 -25.57 -17.53 20.03
C LEU F 160 -26.25 -18.14 21.25
#